data_2R17
#
_entry.id   2R17
#
_cell.length_a   66.250
_cell.length_b   128.471
_cell.length_c   140.452
_cell.angle_alpha   90.00
_cell.angle_beta   90.00
_cell.angle_gamma   90.00
#
_symmetry.space_group_name_H-M   'P 21 21 21'
#
loop_
_entity.id
_entity.type
_entity.pdbx_description
1 polymer 'Vacuolar protein sorting-associated protein 29'
2 polymer 'Vacuolar protein sorting-associated protein 35'
3 non-polymer GLYCEROL
4 water water
#
loop_
_entity_poly.entity_id
_entity_poly.type
_entity_poly.pdbx_seq_one_letter_code
_entity_poly.pdbx_strand_id
1 'polypeptide(L)'
;(MSE)(MSE)LVLVLGDLHIPHRCNSLPAKFKKLLVPGKIQHILCTGNLCTKESYDYLKTLAGDVHIVRGDFDENLNYPE
QKVVTVGQFKIGLIHGHQVIPWGD(MSE)ASLALLQRQFDVDILISGHTHKFEAFEHENKFYINPGSATGAYNALETNII
PSFVL(MSE)DIQASTVVTYVYQLIGDDVKVERIEYKKP
;
A,B
2 'polypeptide(L)'
;DFADEQSLVGRFIHLLRSEDPDQQYLILNTARKHFGAGGNQRIRFTLPPLVFAAYQLAFRYKENSKVDDKWEKKCQKIFS
FAHQTISALIKAELAELPLRLFLQGALAAGEIGFENHETVAYEF(MSE)SQAFSLYEDEISDSKAQLAAITLIIGTFER
(MSE)KCFSEENHEPLRTQCALAASKLLKKPDQGRAVSTCAHLFWSGRNTDKNGEELHGGKRV(MSE)ECLKKALKIANQ
C(MSE)DPSLQVQLFIEILNRYIYFYEKENDAVTIQVLNQLIQKIREDLPNLESSEETEQINKHFHNTLEHLRLR
;
C,D
#
# COMPACT_ATOMS: atom_id res chain seq x y z
N LEU A 3 -14.25 -9.03 28.33
CA LEU A 3 -15.21 -9.52 27.35
C LEU A 3 -16.23 -8.43 27.02
N VAL A 4 -16.57 -8.29 25.75
CA VAL A 4 -17.51 -7.27 25.30
C VAL A 4 -18.74 -7.87 24.67
N LEU A 5 -19.86 -7.18 24.78
CA LEU A 5 -21.12 -7.63 24.20
C LEU A 5 -21.40 -6.81 22.93
N VAL A 6 -21.78 -7.50 21.87
CA VAL A 6 -22.08 -6.85 20.58
C VAL A 6 -23.45 -7.25 20.06
N LEU A 7 -24.35 -6.28 19.98
CA LEU A 7 -25.69 -6.54 19.48
C LEU A 7 -26.23 -5.28 18.80
N GLY A 8 -27.43 -5.39 18.26
CA GLY A 8 -28.06 -4.26 17.59
C GLY A 8 -29.34 -4.65 16.87
N ASP A 9 -29.80 -3.77 15.98
CA ASP A 9 -31.00 -4.01 15.19
C ASP A 9 -32.10 -4.73 15.99
N LEU A 10 -32.39 -4.22 17.19
CA LEU A 10 -33.43 -4.78 18.02
C LEU A 10 -34.79 -4.36 17.46
N HIS A 11 -34.83 -3.15 16.92
CA HIS A 11 -36.03 -2.57 16.34
C HIS A 11 -37.29 -2.57 17.21
N ILE A 12 -37.11 -2.21 18.48
CA ILE A 12 -38.22 -2.14 19.42
C ILE A 12 -38.63 -0.67 19.52
N PRO A 13 -39.93 -0.37 19.42
CA PRO A 13 -41.02 -1.32 19.22
C PRO A 13 -41.52 -1.37 17.79
N HIS A 14 -40.69 -0.93 16.84
CA HIS A 14 -41.09 -0.92 15.43
C HIS A 14 -41.46 -2.29 14.86
N ARG A 15 -40.69 -3.32 15.18
CA ARG A 15 -40.96 -4.65 14.63
C ARG A 15 -40.96 -5.77 15.68
N CYS A 16 -40.39 -5.48 16.84
CA CYS A 16 -40.34 -6.45 17.93
C CYS A 16 -40.64 -5.73 19.24
N ASN A 17 -41.07 -6.48 20.25
CA ASN A 17 -41.38 -5.89 21.55
C ASN A 17 -40.29 -6.12 22.59
N SER A 18 -39.42 -7.10 22.35
CA SER A 18 -38.34 -7.41 23.28
C SER A 18 -37.41 -8.49 22.72
N LEU A 19 -36.37 -8.80 23.48
CA LEU A 19 -35.41 -9.83 23.07
C LEU A 19 -36.03 -11.17 23.38
N PRO A 20 -35.67 -12.21 22.60
CA PRO A 20 -36.24 -13.54 22.86
C PRO A 20 -36.14 -13.93 24.33
N ALA A 21 -37.10 -14.72 24.78
CA ALA A 21 -37.15 -15.17 26.16
C ALA A 21 -35.85 -15.78 26.68
N LYS A 22 -35.31 -16.76 25.97
CA LYS A 22 -34.07 -17.41 26.40
C LYS A 22 -32.85 -16.47 26.48
N PHE A 23 -32.71 -15.59 25.49
CA PHE A 23 -31.60 -14.65 25.44
C PHE A 23 -31.56 -13.75 26.69
N LYS A 24 -32.73 -13.34 27.15
CA LYS A 24 -32.83 -12.49 28.33
C LYS A 24 -32.24 -13.21 29.52
N LYS A 25 -32.40 -14.53 29.52
CA LYS A 25 -31.89 -15.35 30.62
C LYS A 25 -30.37 -15.50 30.58
N LEU A 26 -29.76 -15.18 29.44
CA LEU A 26 -28.31 -15.30 29.32
C LEU A 26 -27.57 -13.99 29.54
N LEU A 27 -28.24 -12.87 29.34
CA LEU A 27 -27.62 -11.58 29.52
C LEU A 27 -27.94 -10.98 30.88
N VAL A 28 -27.05 -11.20 31.85
CA VAL A 28 -27.25 -10.68 33.19
C VAL A 28 -26.06 -9.83 33.61
N PRO A 29 -26.31 -8.80 34.44
CA PRO A 29 -25.26 -7.89 34.91
C PRO A 29 -24.06 -8.62 35.51
N GLY A 30 -22.98 -7.86 35.74
CA GLY A 30 -21.78 -8.43 36.33
C GLY A 30 -20.80 -9.07 35.36
N LYS A 31 -21.29 -9.87 34.44
CA LYS A 31 -20.42 -10.54 33.48
C LYS A 31 -19.79 -9.62 32.44
N ILE A 32 -20.59 -8.70 31.89
CA ILE A 32 -20.13 -7.78 30.85
C ILE A 32 -19.48 -6.46 31.30
N GLN A 33 -18.29 -6.18 30.78
CA GLN A 33 -17.55 -4.96 31.12
C GLN A 33 -17.66 -3.95 29.98
N HIS A 34 -18.13 -4.42 28.82
CA HIS A 34 -18.26 -3.56 27.64
C HIS A 34 -19.42 -3.94 26.73
N ILE A 35 -19.99 -2.93 26.08
CA ILE A 35 -21.09 -3.15 25.16
C ILE A 35 -21.01 -2.23 23.94
N LEU A 36 -20.90 -2.85 22.77
CA LEU A 36 -20.83 -2.12 21.50
C LEU A 36 -22.12 -2.42 20.75
N CYS A 37 -22.96 -1.40 20.59
CA CYS A 37 -24.22 -1.60 19.92
C CYS A 37 -24.28 -0.98 18.54
N THR A 38 -24.46 -1.83 17.54
CA THR A 38 -24.52 -1.37 16.17
C THR A 38 -25.87 -0.75 15.86
N GLY A 39 -26.85 -1.65 15.78
CA GLY A 39 -28.22 -1.32 15.44
C GLY A 39 -29.00 -0.20 16.07
N ASN A 40 -30.20 -0.02 15.52
CA ASN A 40 -31.14 0.94 16.00
C ASN A 40 -32.03 0.14 16.94
N LEU A 41 -31.85 0.40 18.24
CA LEU A 41 -32.65 -0.28 19.25
C LEU A 41 -33.95 0.51 19.25
N CYS A 42 -33.83 1.70 18.68
CA CYS A 42 -34.92 2.65 18.49
C CYS A 42 -35.39 3.43 19.69
N THR A 43 -35.93 2.73 20.68
CA THR A 43 -36.45 3.39 21.86
C THR A 43 -35.43 3.48 22.98
N LYS A 44 -35.43 4.63 23.67
CA LYS A 44 -34.53 4.89 24.78
C LYS A 44 -34.77 3.82 25.85
N GLU A 45 -35.95 3.20 25.79
CA GLU A 45 -36.31 2.15 26.71
C GLU A 45 -35.31 1.03 26.58
N SER A 46 -34.84 0.80 25.35
CA SER A 46 -33.88 -0.25 25.09
C SER A 46 -32.47 0.16 25.44
N TYR A 47 -32.22 1.46 25.51
CA TYR A 47 -30.90 1.94 25.87
C TYR A 47 -30.70 1.71 27.37
N ASP A 48 -31.77 1.90 28.15
CA ASP A 48 -31.68 1.70 29.58
C ASP A 48 -31.42 0.24 29.92
N TYR A 49 -32.17 -0.66 29.29
CA TYR A 49 -31.95 -2.07 29.54
C TYR A 49 -30.48 -2.38 29.30
N LEU A 50 -29.93 -1.86 28.20
CA LEU A 50 -28.52 -2.08 27.89
C LEU A 50 -27.67 -1.57 29.03
N LYS A 51 -27.97 -0.36 29.47
CA LYS A 51 -27.22 0.28 30.54
C LYS A 51 -27.24 -0.57 31.80
N THR A 52 -28.07 -1.61 31.80
CA THR A 52 -28.18 -2.52 32.93
C THR A 52 -27.05 -3.53 32.92
N LEU A 53 -26.97 -4.30 31.83
CA LEU A 53 -25.96 -5.34 31.66
C LEU A 53 -24.53 -4.87 31.94
N ALA A 54 -24.27 -3.59 31.69
CA ALA A 54 -22.95 -3.02 31.92
C ALA A 54 -23.05 -1.50 32.04
N GLY A 55 -21.93 -0.86 32.39
CA GLY A 55 -21.93 0.58 32.56
C GLY A 55 -21.33 1.36 31.41
N ASP A 56 -20.35 0.75 30.73
CA ASP A 56 -19.70 1.41 29.61
C ASP A 56 -20.33 0.94 28.29
N VAL A 57 -21.34 1.67 27.83
CA VAL A 57 -22.04 1.32 26.61
C VAL A 57 -21.74 2.28 25.49
N HIS A 58 -21.52 1.72 24.31
CA HIS A 58 -21.22 2.49 23.11
C HIS A 58 -22.27 2.20 22.07
N ILE A 59 -22.86 3.26 21.53
CA ILE A 59 -23.88 3.10 20.53
C ILE A 59 -23.67 4.04 19.36
N VAL A 60 -23.97 3.54 18.17
CA VAL A 60 -23.85 4.33 16.96
C VAL A 60 -25.27 4.50 16.46
N ARG A 61 -25.54 5.59 15.74
CA ARG A 61 -26.88 5.83 15.25
C ARG A 61 -27.28 4.97 14.07
N GLY A 62 -28.41 4.29 14.23
CA GLY A 62 -28.95 3.42 13.18
C GLY A 62 -29.94 4.22 12.35
N ASP A 63 -30.29 3.69 11.17
CA ASP A 63 -31.21 4.38 10.27
C ASP A 63 -32.64 4.54 10.75
N PHE A 64 -32.94 4.11 11.98
CA PHE A 64 -34.29 4.27 12.51
C PHE A 64 -34.32 4.68 13.98
N ASP A 65 -33.17 5.02 14.55
CA ASP A 65 -33.15 5.43 15.95
C ASP A 65 -33.79 6.80 16.09
N GLU A 66 -34.55 6.98 17.16
CA GLU A 66 -35.24 8.25 17.43
C GLU A 66 -34.26 9.37 17.80
N ASN A 67 -33.38 9.08 18.75
CA ASN A 67 -32.38 10.05 19.20
C ASN A 67 -31.34 10.29 18.13
N LEU A 68 -31.25 11.52 17.67
CA LEU A 68 -30.28 11.87 16.64
C LEU A 68 -28.90 12.13 17.26
N ASN A 69 -28.84 12.13 18.60
CA ASN A 69 -27.59 12.39 19.30
C ASN A 69 -26.53 11.30 19.26
N TYR A 70 -26.81 10.16 18.64
CA TYR A 70 -25.81 9.10 18.55
C TYR A 70 -24.85 9.34 17.39
N PRO A 71 -23.61 8.83 17.51
CA PRO A 71 -22.56 8.96 16.49
C PRO A 71 -22.88 8.14 15.23
N GLU A 72 -22.56 8.68 14.06
CA GLU A 72 -22.79 7.97 12.81
C GLU A 72 -21.89 6.73 12.89
N GLN A 73 -20.68 6.94 13.39
CA GLN A 73 -19.69 5.89 13.60
C GLN A 73 -18.78 6.30 14.73
N LYS A 74 -18.21 5.30 15.41
CA LYS A 74 -17.31 5.56 16.53
C LYS A 74 -16.21 4.52 16.60
N VAL A 75 -15.06 4.92 17.10
CA VAL A 75 -13.92 4.02 17.25
C VAL A 75 -13.60 3.89 18.73
N VAL A 76 -13.71 2.67 19.27
CA VAL A 76 -13.44 2.45 20.68
C VAL A 76 -12.32 1.43 20.85
N THR A 77 -11.34 1.75 21.68
CA THR A 77 -10.21 0.86 21.92
C THR A 77 -10.49 -0.08 23.10
N VAL A 78 -10.28 -1.37 22.89
CA VAL A 78 -10.53 -2.34 23.96
C VAL A 78 -9.29 -3.20 24.24
N GLY A 79 -8.38 -2.65 25.04
CA GLY A 79 -7.15 -3.36 25.35
C GLY A 79 -6.15 -3.15 24.23
N GLN A 80 -5.76 -4.24 23.57
CA GLN A 80 -4.82 -4.16 22.47
C GLN A 80 -5.55 -3.91 21.16
N PHE A 81 -6.87 -4.10 21.18
CA PHE A 81 -7.71 -3.93 19.99
C PHE A 81 -8.37 -2.57 19.74
N LYS A 82 -8.25 -2.12 18.49
CA LYS A 82 -8.84 -0.87 18.03
C LYS A 82 -10.07 -1.32 17.24
N ILE A 83 -11.27 -1.00 17.73
CA ILE A 83 -12.52 -1.43 17.09
C ILE A 83 -13.41 -0.31 16.57
N GLY A 84 -13.87 -0.48 15.33
CA GLY A 84 -14.75 0.49 14.72
C GLY A 84 -16.20 0.07 14.86
N LEU A 85 -17.11 1.04 14.82
CA LEU A 85 -18.53 0.78 14.97
C LEU A 85 -19.34 1.67 14.02
N ILE A 86 -20.29 1.07 13.31
CA ILE A 86 -21.12 1.82 12.38
C ILE A 86 -22.36 0.95 12.16
N HIS A 87 -23.52 1.54 11.87
CA HIS A 87 -24.68 0.70 11.71
C HIS A 87 -24.66 -0.16 10.44
N GLY A 88 -24.27 0.43 9.31
CA GLY A 88 -24.22 -0.35 8.10
C GLY A 88 -24.96 0.23 6.92
N HIS A 89 -26.08 0.91 7.17
CA HIS A 89 -26.87 1.50 6.09
C HIS A 89 -26.07 2.52 5.29
N GLN A 90 -24.92 2.97 5.83
CA GLN A 90 -24.07 3.94 5.14
C GLN A 90 -23.08 3.24 4.22
N VAL A 91 -23.05 1.91 4.28
CA VAL A 91 -22.13 1.10 3.47
C VAL A 91 -22.86 0.59 2.25
N ILE A 92 -22.51 1.09 1.07
CA ILE A 92 -23.18 0.64 -0.14
C ILE A 92 -22.22 -0.13 -1.04
N PRO A 93 -22.63 -1.32 -1.53
CA PRO A 93 -23.92 -1.98 -1.31
C PRO A 93 -24.01 -2.40 0.16
N TRP A 94 -25.23 -2.49 0.68
CA TRP A 94 -25.43 -2.79 2.09
C TRP A 94 -24.57 -3.80 2.86
N GLY A 95 -24.37 -5.01 2.37
CA GLY A 95 -23.54 -5.91 3.17
C GLY A 95 -22.27 -6.36 2.47
N ASP A 96 -21.88 -5.58 1.47
CA ASP A 96 -20.71 -5.85 0.65
C ASP A 96 -19.37 -5.85 1.39
N ALA A 98 -16.29 -5.84 0.20
CA ALA A 98 -15.36 -4.90 -0.39
C ALA A 98 -15.60 -3.48 0.13
N SER A 99 -16.87 -3.15 0.33
CA SER A 99 -17.22 -1.82 0.83
C SER A 99 -16.91 -1.72 2.31
N LEU A 100 -17.12 -2.81 3.05
CA LEU A 100 -16.81 -2.80 4.47
C LEU A 100 -15.30 -2.61 4.60
N ALA A 101 -14.56 -3.39 3.82
CA ALA A 101 -13.11 -3.33 3.82
C ALA A 101 -12.63 -1.92 3.52
N LEU A 102 -13.18 -1.32 2.47
CA LEU A 102 -12.79 0.03 2.11
C LEU A 102 -12.98 0.93 3.34
N LEU A 103 -14.03 0.65 4.11
CA LEU A 103 -14.30 1.42 5.32
C LEU A 103 -13.23 1.16 6.40
N GLN A 104 -12.83 -0.10 6.54
CA GLN A 104 -11.79 -0.47 7.52
C GLN A 104 -10.51 0.36 7.36
N ARG A 105 -10.07 0.56 6.11
CA ARG A 105 -8.87 1.34 5.87
C ARG A 105 -8.99 2.71 6.52
N GLN A 106 -10.01 3.45 6.11
CA GLN A 106 -10.28 4.79 6.60
C GLN A 106 -10.32 4.90 8.13
N PHE A 107 -10.97 3.93 8.78
CA PHE A 107 -11.07 3.93 10.23
C PHE A 107 -9.72 3.53 10.84
N ASP A 108 -9.05 2.59 10.20
CA ASP A 108 -7.76 2.09 10.66
C ASP A 108 -7.97 1.27 11.93
N VAL A 109 -8.93 0.35 11.87
CA VAL A 109 -9.25 -0.50 13.00
C VAL A 109 -8.86 -1.96 12.74
N ASP A 110 -8.64 -2.71 13.82
CA ASP A 110 -8.26 -4.12 13.69
C ASP A 110 -9.52 -4.96 13.52
N ILE A 111 -10.61 -4.50 14.11
CA ILE A 111 -11.89 -5.18 14.03
C ILE A 111 -12.97 -4.15 13.66
N LEU A 112 -13.94 -4.55 12.84
CA LEU A 112 -15.02 -3.65 12.42
C LEU A 112 -16.40 -4.26 12.64
N ILE A 113 -17.17 -3.67 13.55
CA ILE A 113 -18.52 -4.12 13.87
C ILE A 113 -19.58 -3.29 13.15
N SER A 114 -20.52 -3.97 12.48
CA SER A 114 -21.62 -3.30 11.80
C SER A 114 -22.79 -4.27 11.70
N GLY A 115 -23.99 -3.76 11.45
CA GLY A 115 -25.16 -4.60 11.34
C GLY A 115 -25.97 -4.32 10.09
N HIS A 116 -27.20 -3.86 10.27
CA HIS A 116 -28.13 -3.51 9.19
C HIS A 116 -28.68 -4.63 8.32
N THR A 117 -27.92 -5.70 8.14
CA THR A 117 -28.37 -6.80 7.30
C THR A 117 -29.17 -7.85 8.07
N HIS A 118 -29.00 -7.87 9.39
CA HIS A 118 -29.68 -8.82 10.28
C HIS A 118 -29.27 -10.26 10.03
N LYS A 119 -28.05 -10.42 9.52
CA LYS A 119 -27.48 -11.73 9.27
C LYS A 119 -26.12 -11.79 9.96
N PHE A 120 -25.98 -12.70 10.92
CA PHE A 120 -24.72 -12.85 11.63
C PHE A 120 -23.56 -13.19 10.70
N GLU A 121 -22.43 -12.50 10.91
CA GLU A 121 -21.24 -12.71 10.10
C GLU A 121 -19.97 -12.49 10.91
N ALA A 122 -19.06 -13.46 10.85
CA ALA A 122 -17.79 -13.36 11.56
C ALA A 122 -16.72 -13.94 10.66
N PHE A 123 -15.91 -13.09 10.05
CA PHE A 123 -14.87 -13.57 9.16
C PHE A 123 -13.65 -12.67 9.16
N GLU A 124 -12.56 -13.19 8.62
CA GLU A 124 -11.30 -12.47 8.54
C GLU A 124 -11.02 -12.13 7.07
N HIS A 125 -10.41 -10.96 6.85
CA HIS A 125 -10.06 -10.49 5.52
C HIS A 125 -8.81 -9.62 5.59
N GLU A 126 -7.79 -10.01 4.83
CA GLU A 126 -6.53 -9.28 4.80
C GLU A 126 -6.10 -8.81 6.18
N ASN A 127 -5.86 -9.77 7.08
CA ASN A 127 -5.40 -9.50 8.43
C ASN A 127 -6.29 -8.63 9.34
N LYS A 128 -7.54 -8.42 8.93
CA LYS A 128 -8.48 -7.63 9.71
C LYS A 128 -9.70 -8.50 10.05
N PHE A 129 -10.45 -8.13 11.10
CA PHE A 129 -11.62 -8.91 11.51
C PHE A 129 -12.96 -8.14 11.37
N TYR A 130 -13.95 -8.83 10.81
CA TYR A 130 -15.28 -8.27 10.57
C TYR A 130 -16.37 -9.05 11.32
N ILE A 131 -17.18 -8.33 12.10
CA ILE A 131 -18.25 -8.93 12.89
C ILE A 131 -19.58 -8.20 12.70
N ASN A 132 -20.65 -8.98 12.54
CA ASN A 132 -22.00 -8.46 12.40
C ASN A 132 -22.83 -9.33 13.34
N PRO A 133 -23.24 -8.78 14.49
CA PRO A 133 -24.02 -9.55 15.46
C PRO A 133 -25.34 -10.09 14.91
N GLY A 134 -26.00 -9.29 14.06
CA GLY A 134 -27.28 -9.70 13.51
C GLY A 134 -28.37 -8.92 14.23
N SER A 135 -29.52 -9.53 14.45
CA SER A 135 -30.60 -8.85 15.15
C SER A 135 -30.92 -9.60 16.44
N ALA A 136 -30.66 -8.99 17.58
CA ALA A 136 -30.91 -9.65 18.86
C ALA A 136 -32.35 -10.07 19.02
N THR A 137 -33.23 -9.50 18.22
CA THR A 137 -34.64 -9.83 18.31
C THR A 137 -35.16 -10.47 17.03
N GLY A 138 -34.25 -10.86 16.13
CA GLY A 138 -34.69 -11.47 14.89
C GLY A 138 -35.64 -10.53 14.16
N ALA A 139 -35.44 -9.23 14.33
CA ALA A 139 -36.26 -8.21 13.70
C ALA A 139 -36.42 -8.40 12.20
N TYR A 140 -37.64 -8.18 11.72
CA TYR A 140 -37.98 -8.32 10.33
C TYR A 140 -37.08 -7.50 9.41
N ASN A 141 -36.88 -8.00 8.19
CA ASN A 141 -36.03 -7.33 7.21
C ASN A 141 -36.46 -7.77 5.82
N ALA A 142 -37.02 -6.84 5.05
CA ALA A 142 -37.49 -7.14 3.70
C ALA A 142 -36.58 -7.97 2.79
N LEU A 143 -35.27 -7.86 2.96
CA LEU A 143 -34.38 -8.61 2.09
C LEU A 143 -34.21 -10.08 2.43
N GLU A 144 -34.44 -10.44 3.69
CA GLU A 144 -34.31 -11.83 4.11
C GLU A 144 -35.51 -12.34 4.90
N THR A 145 -36.32 -13.18 4.24
CA THR A 145 -37.52 -13.75 4.84
C THR A 145 -37.30 -14.66 6.04
N ASN A 146 -36.08 -15.06 6.31
CA ASN A 146 -35.85 -15.94 7.44
C ASN A 146 -34.72 -15.42 8.31
N ILE A 147 -35.08 -14.62 9.31
CA ILE A 147 -34.09 -14.03 10.20
C ILE A 147 -33.94 -14.85 11.48
N ILE A 148 -32.72 -14.95 11.98
CA ILE A 148 -32.44 -15.72 13.18
C ILE A 148 -31.91 -14.85 14.31
N PRO A 149 -32.66 -14.74 15.42
CA PRO A 149 -32.21 -13.92 16.55
C PRO A 149 -30.76 -14.22 16.89
N SER A 150 -30.06 -13.26 17.47
CA SER A 150 -28.68 -13.49 17.86
C SER A 150 -27.94 -12.26 18.34
N PHE A 151 -26.88 -12.51 19.09
CA PHE A 151 -26.03 -11.46 19.60
C PHE A 151 -24.68 -12.12 19.60
N VAL A 152 -23.67 -11.41 20.07
CA VAL A 152 -22.32 -11.96 20.05
C VAL A 152 -21.46 -11.27 21.10
N LEU A 153 -20.86 -12.05 21.99
CA LEU A 153 -19.97 -11.45 22.96
C LEU A 153 -18.59 -12.01 22.70
N ASP A 155 -14.38 -12.23 23.75
CA ASP A 155 -13.51 -12.23 24.92
C ASP A 155 -12.09 -11.92 24.46
N ILE A 156 -11.55 -10.82 24.94
CA ILE A 156 -10.21 -10.38 24.60
C ILE A 156 -9.27 -10.65 25.77
N GLN A 157 -8.22 -11.43 25.54
CA GLN A 157 -7.26 -11.67 26.61
C GLN A 157 -6.23 -10.60 26.32
N ALA A 158 -5.54 -10.76 25.18
CA ALA A 158 -4.52 -9.81 24.76
C ALA A 158 -4.05 -10.12 23.35
N SER A 159 -4.38 -9.24 22.42
CA SER A 159 -3.98 -9.44 21.02
C SER A 159 -4.44 -10.83 20.60
N THR A 160 -5.66 -11.16 21.01
CA THR A 160 -6.27 -12.44 20.70
C THR A 160 -7.74 -12.32 21.10
N VAL A 161 -8.64 -12.57 20.15
CA VAL A 161 -10.05 -12.47 20.47
C VAL A 161 -10.77 -13.76 20.13
N VAL A 162 -11.77 -14.06 20.93
CA VAL A 162 -12.60 -15.24 20.73
C VAL A 162 -14.02 -14.71 20.75
N THR A 163 -14.69 -14.75 19.60
CA THR A 163 -16.06 -14.25 19.54
C THR A 163 -17.08 -15.38 19.57
N TYR A 164 -17.99 -15.30 20.53
CA TYR A 164 -19.03 -16.29 20.68
C TYR A 164 -20.32 -15.79 20.04
N VAL A 165 -20.80 -16.51 19.03
CA VAL A 165 -22.02 -16.14 18.36
C VAL A 165 -23.19 -16.89 18.95
N TYR A 166 -24.19 -16.16 19.40
CA TYR A 166 -25.38 -16.75 20.00
C TYR A 166 -26.58 -16.70 19.06
N GLN A 167 -26.94 -17.84 18.48
CA GLN A 167 -28.07 -17.93 17.57
C GLN A 167 -29.26 -18.62 18.24
N LEU A 168 -30.47 -18.25 17.83
CA LEU A 168 -31.67 -18.85 18.40
C LEU A 168 -32.36 -19.68 17.32
N ILE A 169 -31.86 -20.90 17.14
CA ILE A 169 -32.42 -21.81 16.16
C ILE A 169 -33.35 -22.78 16.88
N GLY A 170 -34.59 -22.86 16.42
CA GLY A 170 -35.55 -23.74 17.05
C GLY A 170 -35.88 -23.22 18.44
N ASP A 171 -35.77 -24.08 19.45
CA ASP A 171 -36.03 -23.66 20.81
C ASP A 171 -34.69 -23.38 21.45
N ASP A 172 -33.85 -24.39 21.47
CA ASP A 172 -32.54 -24.27 22.07
C ASP A 172 -31.71 -23.17 21.41
N VAL A 173 -30.68 -22.74 22.14
CA VAL A 173 -29.79 -21.70 21.66
C VAL A 173 -28.46 -22.32 21.27
N LYS A 174 -28.25 -22.48 19.97
CA LYS A 174 -27.01 -23.04 19.49
C LYS A 174 -25.91 -21.99 19.63
N VAL A 175 -24.66 -22.43 19.63
CA VAL A 175 -23.54 -21.52 19.77
C VAL A 175 -22.41 -21.93 18.83
N GLU A 176 -21.51 -20.99 18.58
CA GLU A 176 -20.37 -21.25 17.72
C GLU A 176 -19.20 -20.38 18.16
N ARG A 177 -18.01 -20.97 18.09
CA ARG A 177 -16.80 -20.28 18.52
C ARG A 177 -15.95 -19.90 17.32
N ILE A 178 -15.33 -18.73 17.38
CA ILE A 178 -14.46 -18.24 16.31
C ILE A 178 -13.35 -17.43 16.94
N GLU A 179 -12.11 -17.75 16.61
CA GLU A 179 -10.98 -17.02 17.17
C GLU A 179 -10.20 -16.21 16.14
N TYR A 180 -9.73 -15.05 16.59
CA TYR A 180 -8.95 -14.16 15.75
C TYR A 180 -7.85 -13.56 16.62
N LYS A 181 -6.67 -13.38 16.02
CA LYS A 181 -5.54 -12.79 16.73
C LYS A 181 -4.84 -11.83 15.80
N LYS A 182 -4.49 -10.65 16.32
CA LYS A 182 -3.82 -9.62 15.55
C LYS A 182 -2.78 -10.24 14.63
N PRO A 183 -2.55 -9.63 13.45
CA PRO A 183 -1.57 -10.19 12.53
C PRO A 183 -0.16 -10.07 13.12
N LEU B 3 52.85 -13.84 -6.21
CA LEU B 3 51.48 -14.30 -6.34
C LEU B 3 50.45 -13.42 -5.65
N VAL B 4 49.57 -12.82 -6.44
CA VAL B 4 48.53 -11.94 -5.91
C VAL B 4 47.12 -12.47 -6.08
N LEU B 5 46.36 -12.45 -4.99
CA LEU B 5 44.97 -12.90 -5.01
C LEU B 5 44.05 -11.69 -5.21
N VAL B 6 43.13 -11.82 -6.15
CA VAL B 6 42.17 -10.75 -6.42
C VAL B 6 40.76 -11.31 -6.29
N LEU B 7 39.93 -10.65 -5.47
CA LEU B 7 38.54 -11.07 -5.31
C LEU B 7 37.73 -9.93 -4.74
N GLY B 8 36.44 -10.16 -4.56
CA GLY B 8 35.58 -9.12 -4.02
C GLY B 8 34.12 -9.46 -4.19
N ASP B 9 33.28 -8.55 -3.72
CA ASP B 9 31.85 -8.72 -3.79
C ASP B 9 31.39 -10.05 -3.20
N LEU B 10 31.88 -10.38 -2.01
CA LEU B 10 31.49 -11.62 -1.37
C LEU B 10 30.04 -11.45 -0.94
N HIS B 11 29.76 -10.29 -0.32
CA HIS B 11 28.44 -9.92 0.16
C HIS B 11 27.91 -10.85 1.25
N ILE B 12 28.78 -11.20 2.20
CA ILE B 12 28.42 -12.07 3.31
C ILE B 12 28.15 -11.24 4.55
N PRO B 13 26.98 -11.40 5.20
CA PRO B 13 25.84 -12.28 4.93
C PRO B 13 24.67 -11.61 4.22
N HIS B 14 24.90 -10.49 3.55
CA HIS B 14 23.83 -9.81 2.86
C HIS B 14 23.17 -10.60 1.77
N ARG B 15 23.95 -11.33 0.97
CA ARG B 15 23.39 -12.10 -0.13
C ARG B 15 23.93 -13.50 -0.23
N CYS B 16 24.97 -13.78 0.55
CA CYS B 16 25.59 -15.09 0.54
C CYS B 16 25.96 -15.51 1.92
N ASN B 17 26.13 -16.81 2.08
CA ASN B 17 26.52 -17.39 3.36
C ASN B 17 28.04 -17.59 3.41
N SER B 18 28.62 -18.00 2.28
CA SER B 18 30.07 -18.23 2.21
C SER B 18 30.53 -18.44 0.79
N LEU B 19 31.84 -18.63 0.65
CA LEU B 19 32.43 -18.90 -0.65
C LEU B 19 32.09 -20.34 -1.00
N PRO B 20 32.09 -20.68 -2.30
CA PRO B 20 31.78 -22.06 -2.67
C PRO B 20 32.76 -23.03 -2.00
N ALA B 21 32.29 -24.23 -1.68
CA ALA B 21 33.13 -25.22 -1.04
C ALA B 21 34.45 -25.40 -1.78
N LYS B 22 34.38 -25.81 -3.05
CA LYS B 22 35.56 -26.02 -3.84
C LYS B 22 36.52 -24.83 -3.82
N PHE B 23 35.99 -23.61 -3.90
CA PHE B 23 36.83 -22.42 -3.87
C PHE B 23 37.64 -22.34 -2.56
N LYS B 24 36.95 -22.39 -1.42
CA LYS B 24 37.63 -22.31 -0.12
C LYS B 24 38.71 -23.37 -0.02
N LYS B 25 38.56 -24.44 -0.81
CA LYS B 25 39.51 -25.54 -0.84
C LYS B 25 40.74 -25.15 -1.65
N LEU B 26 40.54 -24.42 -2.75
CA LEU B 26 41.64 -23.97 -3.59
C LEU B 26 42.48 -22.94 -2.86
N LEU B 27 41.84 -22.03 -2.13
CA LEU B 27 42.57 -21.03 -1.41
C LEU B 27 43.18 -21.63 -0.15
N VAL B 28 44.50 -21.80 -0.17
CA VAL B 28 45.24 -22.36 0.96
C VAL B 28 46.29 -21.35 1.40
N PRO B 29 46.46 -21.18 2.72
CA PRO B 29 47.45 -20.23 3.22
C PRO B 29 48.84 -20.58 2.72
N GLY B 30 49.76 -19.62 2.80
CA GLY B 30 51.13 -19.89 2.39
C GLY B 30 51.59 -19.60 0.97
N LYS B 31 50.78 -19.86 -0.04
CA LYS B 31 51.24 -19.60 -1.40
C LYS B 31 50.97 -18.17 -1.89
N ILE B 32 49.92 -17.54 -1.39
CA ILE B 32 49.57 -16.18 -1.80
C ILE B 32 50.34 -15.15 -0.98
N GLN B 33 50.94 -14.20 -1.69
CA GLN B 33 51.75 -13.16 -1.06
C GLN B 33 51.05 -11.81 -0.93
N HIS B 34 50.07 -11.56 -1.79
CA HIS B 34 49.33 -10.31 -1.76
C HIS B 34 47.86 -10.56 -2.03
N ILE B 35 47.00 -9.80 -1.35
CA ILE B 35 45.57 -9.91 -1.57
C ILE B 35 44.98 -8.54 -1.88
N LEU B 36 44.46 -8.39 -3.08
CA LEU B 36 43.86 -7.14 -3.46
C LEU B 36 42.36 -7.42 -3.49
N CYS B 37 41.65 -6.87 -2.51
CA CYS B 37 40.21 -7.07 -2.41
C CYS B 37 39.41 -5.89 -2.95
N THR B 38 38.48 -6.21 -3.83
CA THR B 38 37.63 -5.21 -4.45
C THR B 38 36.54 -4.62 -3.54
N GLY B 39 36.31 -5.24 -2.38
CA GLY B 39 35.31 -4.72 -1.48
C GLY B 39 33.97 -5.44 -1.45
N ASN B 40 33.17 -5.13 -0.43
CA ASN B 40 31.87 -5.72 -0.22
C ASN B 40 31.97 -7.12 0.38
N LEU B 41 32.89 -7.28 1.33
CA LEU B 41 33.04 -8.54 2.05
C LEU B 41 31.82 -8.39 2.93
N CYS B 42 31.67 -7.11 3.29
CA CYS B 42 30.61 -6.55 4.12
C CYS B 42 30.93 -6.60 5.60
N THR B 43 31.27 -7.78 6.11
CA THR B 43 31.53 -7.92 7.54
C THR B 43 32.97 -8.25 7.91
N LYS B 44 33.34 -7.99 9.16
CA LYS B 44 34.69 -8.26 9.64
C LYS B 44 35.04 -9.75 9.54
N GLU B 45 34.02 -10.59 9.56
CA GLU B 45 34.21 -12.02 9.46
C GLU B 45 35.01 -12.31 8.20
N SER B 46 34.52 -11.83 7.06
CA SER B 46 35.19 -12.04 5.79
C SER B 46 36.59 -11.44 5.78
N TYR B 47 36.82 -10.45 6.62
CA TYR B 47 38.12 -9.80 6.69
C TYR B 47 39.13 -10.74 7.33
N ASP B 48 38.81 -11.20 8.53
CA ASP B 48 39.70 -12.11 9.24
C ASP B 48 40.06 -13.29 8.33
N TYR B 49 39.09 -13.77 7.56
CA TYR B 49 39.34 -14.88 6.64
C TYR B 49 40.41 -14.53 5.60
N LEU B 50 40.31 -13.32 5.03
CA LEU B 50 41.30 -12.89 4.04
C LEU B 50 42.64 -12.73 4.72
N LYS B 51 42.61 -12.28 5.96
CA LYS B 51 43.80 -12.04 6.75
C LYS B 51 44.54 -13.34 7.08
N THR B 52 43.91 -14.49 6.86
CA THR B 52 44.57 -15.78 7.14
C THR B 52 45.20 -16.33 5.86
N LEU B 53 44.71 -15.86 4.72
CA LEU B 53 45.22 -16.32 3.43
C LEU B 53 46.52 -15.60 3.08
N ALA B 54 46.79 -14.49 3.76
CA ALA B 54 48.00 -13.73 3.50
C ALA B 54 48.14 -12.63 4.54
N GLY B 55 49.31 -12.00 4.57
CA GLY B 55 49.55 -10.94 5.52
C GLY B 55 49.21 -9.59 4.93
N ASP B 56 49.72 -9.35 3.72
CA ASP B 56 49.46 -8.09 3.05
C ASP B 56 48.09 -8.12 2.36
N VAL B 57 47.12 -7.49 3.00
CA VAL B 57 45.75 -7.43 2.50
C VAL B 57 45.31 -6.00 2.23
N HIS B 58 45.01 -5.70 0.97
CA HIS B 58 44.57 -4.37 0.58
C HIS B 58 43.10 -4.42 0.21
N ILE B 59 42.26 -3.72 0.98
CA ILE B 59 40.83 -3.69 0.72
C ILE B 59 40.36 -2.28 0.48
N VAL B 60 39.46 -2.09 -0.48
CA VAL B 60 38.90 -0.77 -0.72
C VAL B 60 37.42 -0.85 -0.32
N ARG B 61 36.84 0.26 0.10
CA ARG B 61 35.44 0.30 0.55
C ARG B 61 34.38 0.04 -0.52
N GLY B 62 33.58 -1.00 -0.30
CA GLY B 62 32.52 -1.33 -1.23
C GLY B 62 31.28 -0.49 -0.91
N ASP B 63 30.29 -0.45 -1.81
CA ASP B 63 29.10 0.35 -1.55
C ASP B 63 28.24 -0.17 -0.39
N PHE B 64 28.50 -1.38 0.06
CA PHE B 64 27.75 -1.96 1.16
C PHE B 64 28.65 -2.34 2.33
N ASP B 65 29.90 -1.92 2.32
CA ASP B 65 30.78 -2.25 3.41
C ASP B 65 30.44 -1.52 4.70
N GLU B 66 30.48 -2.26 5.82
CA GLU B 66 30.19 -1.69 7.13
C GLU B 66 31.39 -0.88 7.64
N ASN B 67 32.58 -1.45 7.52
CA ASN B 67 33.80 -0.78 7.96
C ASN B 67 34.04 0.43 7.08
N LEU B 68 33.66 1.60 7.57
CA LEU B 68 33.83 2.83 6.83
C LEU B 68 35.28 3.30 6.88
N ASN B 69 36.18 2.41 7.30
CA ASN B 69 37.58 2.76 7.39
C ASN B 69 38.39 2.34 6.19
N TYR B 70 37.87 1.45 5.37
CA TYR B 70 38.63 1.08 4.18
C TYR B 70 38.61 2.32 3.27
N PRO B 71 39.67 2.52 2.47
CA PRO B 71 39.70 3.68 1.57
C PRO B 71 38.84 3.51 0.32
N GLU B 72 38.35 4.61 -0.24
CA GLU B 72 37.53 4.56 -1.44
C GLU B 72 38.29 3.89 -2.60
N GLN B 73 39.54 4.31 -2.80
CA GLN B 73 40.40 3.74 -3.84
C GLN B 73 41.79 3.57 -3.26
N LYS B 74 42.69 2.98 -4.04
CA LYS B 74 44.03 2.72 -3.56
C LYS B 74 44.94 2.30 -4.70
N VAL B 75 46.23 2.61 -4.56
CA VAL B 75 47.20 2.23 -5.55
C VAL B 75 48.31 1.55 -4.79
N VAL B 76 48.48 0.27 -5.06
CA VAL B 76 49.51 -0.50 -4.41
C VAL B 76 50.48 -0.91 -5.49
N THR B 77 51.76 -0.92 -5.16
CA THR B 77 52.77 -1.28 -6.13
C THR B 77 53.35 -2.67 -5.84
N VAL B 78 53.32 -3.52 -6.86
CA VAL B 78 53.83 -4.87 -6.78
C VAL B 78 54.69 -5.10 -8.01
N GLY B 79 56.00 -5.24 -7.79
CA GLY B 79 56.91 -5.44 -8.90
C GLY B 79 57.00 -4.18 -9.74
N GLN B 80 57.12 -4.33 -11.05
CA GLN B 80 57.21 -3.17 -11.91
C GLN B 80 55.81 -2.64 -12.19
N PHE B 81 54.83 -3.13 -11.43
CA PHE B 81 53.44 -2.74 -11.65
C PHE B 81 52.78 -1.81 -10.63
N LYS B 82 52.12 -0.77 -11.12
CA LYS B 82 51.38 0.17 -10.27
C LYS B 82 49.92 -0.23 -10.46
N ILE B 83 49.32 -0.83 -9.45
CA ILE B 83 47.93 -1.25 -9.58
C ILE B 83 46.93 -0.34 -8.87
N GLY B 84 45.86 -0.02 -9.60
CA GLY B 84 44.79 0.80 -9.07
C GLY B 84 43.67 -0.12 -8.58
N LEU B 85 43.14 0.17 -7.39
CA LEU B 85 42.08 -0.64 -6.79
C LEU B 85 40.91 0.25 -6.38
N ILE B 86 39.71 -0.07 -6.87
CA ILE B 86 38.52 0.72 -6.57
C ILE B 86 37.34 -0.25 -6.57
N HIS B 87 36.34 -0.05 -5.72
CA HIS B 87 35.25 -1.02 -5.74
C HIS B 87 34.53 -1.07 -7.08
N GLY B 88 34.20 0.08 -7.64
CA GLY B 88 33.53 0.09 -8.94
C GLY B 88 32.25 0.89 -9.04
N HIS B 89 31.50 0.99 -7.96
CA HIS B 89 30.25 1.72 -7.96
C HIS B 89 30.44 3.23 -8.17
N GLN B 90 31.69 3.70 -8.16
CA GLN B 90 31.95 5.12 -8.38
C GLN B 90 32.10 5.38 -9.89
N VAL B 91 32.46 4.36 -10.63
CA VAL B 91 32.59 4.52 -12.07
C VAL B 91 31.21 4.49 -12.71
N ILE B 92 30.88 5.56 -13.42
CA ILE B 92 29.59 5.67 -14.07
C ILE B 92 29.82 5.94 -15.54
N PRO B 93 29.20 5.14 -16.42
CA PRO B 93 28.32 4.02 -16.05
C PRO B 93 29.11 2.83 -15.49
N TRP B 94 28.45 2.08 -14.60
CA TRP B 94 29.05 0.92 -13.97
C TRP B 94 29.52 -0.02 -15.06
N GLY B 95 30.79 -0.44 -14.98
CA GLY B 95 31.33 -1.36 -15.96
C GLY B 95 31.87 -0.72 -17.24
N ASP B 96 31.31 0.44 -17.59
CA ASP B 96 31.73 1.17 -18.78
C ASP B 96 33.25 1.19 -18.93
N ALA B 98 35.09 2.91 -21.21
CA ALA B 98 35.56 4.27 -21.41
C ALA B 98 35.73 4.95 -20.07
N SER B 99 34.79 4.67 -19.16
CA SER B 99 34.81 5.24 -17.82
C SER B 99 35.97 4.71 -16.99
N LEU B 100 36.27 3.43 -17.14
CA LEU B 100 37.39 2.86 -16.41
C LEU B 100 38.66 3.49 -16.98
N ALA B 101 38.71 3.59 -18.31
CA ALA B 101 39.85 4.18 -19.00
C ALA B 101 40.10 5.57 -18.41
N LEU B 102 39.05 6.39 -18.37
CA LEU B 102 39.14 7.74 -17.84
C LEU B 102 39.74 7.76 -16.42
N LEU B 103 39.32 6.83 -15.58
CA LEU B 103 39.83 6.75 -14.21
C LEU B 103 41.30 6.32 -14.24
N GLN B 104 41.65 5.50 -15.22
CA GLN B 104 43.01 5.01 -15.38
C GLN B 104 43.94 6.19 -15.62
N ARG B 105 43.57 7.05 -16.57
CA ARG B 105 44.36 8.22 -16.89
C ARG B 105 44.68 9.04 -15.64
N GLN B 106 43.69 9.17 -14.76
CA GLN B 106 43.88 9.92 -13.53
C GLN B 106 44.82 9.23 -12.54
N PHE B 107 44.63 7.94 -12.30
CA PHE B 107 45.48 7.16 -11.37
C PHE B 107 46.90 6.93 -11.89
N ASP B 108 47.03 6.81 -13.21
CA ASP B 108 48.31 6.58 -13.85
C ASP B 108 48.85 5.19 -13.46
N VAL B 109 47.99 4.18 -13.59
CA VAL B 109 48.36 2.82 -13.23
C VAL B 109 48.51 1.90 -14.43
N ASP B 110 49.21 0.80 -14.22
CA ASP B 110 49.44 -0.19 -15.27
C ASP B 110 48.23 -1.11 -15.32
N ILE B 111 47.74 -1.50 -14.15
CA ILE B 111 46.57 -2.36 -14.06
C ILE B 111 45.53 -1.72 -13.16
N LEU B 112 44.29 -1.74 -13.61
CA LEU B 112 43.18 -1.18 -12.83
C LEU B 112 42.21 -2.29 -12.42
N ILE B 113 42.22 -2.62 -11.12
CA ILE B 113 41.32 -3.65 -10.59
C ILE B 113 40.02 -3.00 -10.12
N SER B 114 38.89 -3.53 -10.60
CA SER B 114 37.59 -2.99 -10.24
C SER B 114 36.55 -4.12 -10.10
N GLY B 115 35.44 -3.84 -9.44
CA GLY B 115 34.41 -4.84 -9.27
C GLY B 115 33.01 -4.28 -9.38
N HIS B 116 32.15 -4.63 -8.42
CA HIS B 116 30.77 -4.14 -8.35
C HIS B 116 29.80 -4.76 -9.36
N THR B 117 30.35 -5.04 -10.53
CA THR B 117 29.64 -5.61 -11.64
C THR B 117 29.27 -7.08 -11.45
N HIS B 118 30.05 -7.79 -10.64
CA HIS B 118 29.83 -9.23 -10.37
C HIS B 118 30.03 -10.11 -11.59
N LYS B 119 30.54 -9.51 -12.67
CA LYS B 119 30.82 -10.22 -13.89
C LYS B 119 32.32 -10.04 -14.15
N PHE B 120 33.05 -11.14 -14.23
CA PHE B 120 34.49 -11.08 -14.43
C PHE B 120 34.92 -10.59 -15.82
N GLU B 121 35.98 -9.80 -15.82
CA GLU B 121 36.57 -9.23 -17.02
C GLU B 121 38.07 -9.01 -16.83
N ALA B 122 38.82 -9.22 -17.91
CA ALA B 122 40.27 -9.04 -17.91
C ALA B 122 40.67 -8.77 -19.34
N PHE B 123 40.87 -7.51 -19.68
CA PHE B 123 41.26 -7.16 -21.05
C PHE B 123 42.25 -6.01 -21.09
N GLU B 124 42.77 -5.77 -22.29
CA GLU B 124 43.74 -4.71 -22.51
C GLU B 124 43.14 -3.61 -23.38
N HIS B 125 43.34 -2.36 -22.97
CA HIS B 125 42.81 -1.22 -23.72
C HIS B 125 43.85 -0.11 -23.69
N GLU B 126 44.16 0.42 -24.87
CA GLU B 126 45.14 1.48 -24.99
C GLU B 126 46.37 1.23 -24.12
N ASN B 127 46.87 0.00 -24.18
CA ASN B 127 48.07 -0.44 -23.47
C ASN B 127 48.03 -0.59 -21.97
N LYS B 128 46.84 -0.64 -21.41
CA LYS B 128 46.72 -0.79 -19.97
C LYS B 128 45.92 -2.05 -19.69
N PHE B 129 46.12 -2.60 -18.50
CA PHE B 129 45.42 -3.82 -18.12
C PHE B 129 44.33 -3.62 -17.05
N TYR B 130 43.12 -4.05 -17.41
CA TYR B 130 41.95 -3.97 -16.54
C TYR B 130 41.52 -5.34 -16.02
N ILE B 131 41.08 -5.39 -14.76
CA ILE B 131 40.65 -6.64 -14.15
C ILE B 131 39.43 -6.50 -13.25
N ASN B 132 38.49 -7.43 -13.40
CA ASN B 132 37.30 -7.49 -12.57
C ASN B 132 37.19 -8.96 -12.21
N PRO B 133 37.53 -9.32 -10.97
CA PRO B 133 37.46 -10.73 -10.56
C PRO B 133 36.07 -11.33 -10.41
N GLY B 134 35.03 -10.49 -10.51
CA GLY B 134 33.67 -10.99 -10.34
C GLY B 134 33.39 -11.18 -8.86
N SER B 135 32.31 -11.87 -8.53
CA SER B 135 32.00 -12.12 -7.13
C SER B 135 32.50 -13.53 -6.74
N ALA B 136 33.36 -13.60 -5.74
CA ALA B 136 33.88 -14.91 -5.33
C ALA B 136 32.82 -15.81 -4.70
N THR B 137 31.57 -15.36 -4.65
CA THR B 137 30.50 -16.16 -4.08
C THR B 137 29.36 -16.23 -5.06
N GLY B 138 29.57 -15.67 -6.24
CA GLY B 138 28.52 -15.66 -7.24
C GLY B 138 27.32 -14.91 -6.71
N ALA B 139 27.60 -13.87 -5.91
CA ALA B 139 26.56 -13.06 -5.28
C ALA B 139 25.53 -12.45 -6.22
N TYR B 140 24.30 -12.43 -5.74
CA TYR B 140 23.18 -11.86 -6.47
C TYR B 140 23.48 -10.45 -6.93
N ASN B 141 22.92 -10.08 -8.08
CA ASN B 141 23.08 -8.76 -8.65
C ASN B 141 21.87 -8.48 -9.51
N ALA B 142 21.14 -7.42 -9.15
CA ALA B 142 19.91 -7.06 -9.87
C ALA B 142 20.06 -6.92 -11.37
N LEU B 143 21.27 -6.70 -11.85
CA LEU B 143 21.49 -6.51 -13.27
C LEU B 143 21.93 -7.72 -14.06
N GLU B 144 22.53 -8.71 -13.39
CA GLU B 144 22.99 -9.90 -14.09
C GLU B 144 22.27 -11.14 -13.55
N THR B 145 21.47 -11.76 -14.40
CA THR B 145 20.68 -12.94 -14.06
C THR B 145 21.50 -14.19 -13.74
N ASN B 146 22.46 -14.50 -14.59
CA ASN B 146 23.28 -15.67 -14.37
C ASN B 146 24.66 -15.28 -13.83
N ILE B 147 24.82 -15.38 -12.51
CA ILE B 147 26.09 -15.02 -11.90
C ILE B 147 26.98 -16.21 -11.59
N ILE B 148 28.18 -16.20 -12.16
CA ILE B 148 29.15 -17.27 -11.99
C ILE B 148 30.19 -16.95 -10.91
N PRO B 149 30.29 -17.77 -9.86
CA PRO B 149 31.28 -17.48 -8.82
C PRO B 149 32.67 -17.43 -9.45
N SER B 150 33.50 -16.48 -9.04
CA SER B 150 34.84 -16.41 -9.60
C SER B 150 35.78 -15.42 -8.93
N PHE B 151 37.07 -15.77 -8.96
CA PHE B 151 38.12 -14.93 -8.41
C PHE B 151 39.28 -14.97 -9.37
N VAL B 152 40.32 -14.20 -9.10
CA VAL B 152 41.47 -14.15 -9.99
C VAL B 152 42.79 -14.02 -9.24
N LEU B 153 43.80 -14.73 -9.71
CA LEU B 153 45.12 -14.60 -9.11
C LEU B 153 46.16 -14.37 -10.20
N ASP B 155 50.14 -13.76 -11.54
CA ASP B 155 51.51 -14.23 -11.34
C ASP B 155 52.35 -13.10 -11.93
N ILE B 156 52.93 -12.28 -11.05
CA ILE B 156 53.74 -11.17 -11.48
C ILE B 156 55.22 -11.53 -11.50
N GLN B 157 55.81 -11.52 -12.69
CA GLN B 157 57.22 -11.86 -12.88
C GLN B 157 58.10 -10.62 -12.86
N ALA B 158 58.00 -9.83 -13.92
CA ALA B 158 58.77 -8.59 -14.05
C ALA B 158 58.31 -8.07 -15.39
N SER B 159 57.58 -6.96 -15.38
CA SER B 159 57.07 -6.40 -16.64
C SER B 159 56.17 -7.44 -17.29
N THR B 160 55.72 -8.40 -16.51
CA THR B 160 54.84 -9.44 -17.01
C THR B 160 53.91 -9.99 -15.91
N VAL B 161 52.65 -10.14 -16.28
CA VAL B 161 51.64 -10.65 -15.37
C VAL B 161 50.73 -11.67 -16.04
N VAL B 162 50.72 -12.88 -15.49
CA VAL B 162 49.89 -13.94 -16.02
C VAL B 162 48.64 -13.94 -15.16
N THR B 163 47.50 -13.73 -15.81
CA THR B 163 46.24 -13.67 -15.10
C THR B 163 45.43 -14.94 -15.25
N TYR B 164 45.22 -15.64 -14.13
CA TYR B 164 44.43 -16.87 -14.12
C TYR B 164 43.08 -16.55 -13.50
N VAL B 165 41.99 -16.93 -14.16
CA VAL B 165 40.67 -16.69 -13.58
C VAL B 165 39.98 -18.02 -13.24
N TYR B 166 39.43 -18.10 -12.04
CA TYR B 166 38.74 -19.32 -11.58
C TYR B 166 37.23 -19.14 -11.55
N GLN B 167 36.53 -19.65 -12.56
CA GLN B 167 35.07 -19.55 -12.60
C GLN B 167 34.48 -20.88 -12.15
N LEU B 168 33.42 -20.83 -11.36
CA LEU B 168 32.77 -22.06 -10.93
C LEU B 168 31.57 -22.29 -11.85
N ILE B 169 31.76 -23.12 -12.87
CA ILE B 169 30.69 -23.42 -13.81
C ILE B 169 30.18 -24.81 -13.45
N GLY B 170 28.87 -24.94 -13.30
CA GLY B 170 28.33 -26.23 -12.91
C GLY B 170 28.87 -26.48 -11.52
N ASP B 171 29.46 -27.65 -11.29
CA ASP B 171 30.01 -27.95 -9.96
C ASP B 171 31.51 -27.99 -10.06
N ASP B 172 32.04 -27.60 -11.22
CA ASP B 172 33.48 -27.65 -11.45
C ASP B 172 34.17 -26.29 -11.63
N VAL B 173 35.48 -26.26 -11.39
CA VAL B 173 36.28 -25.05 -11.51
C VAL B 173 37.02 -24.99 -12.83
N LYS B 174 36.63 -24.06 -13.70
CA LYS B 174 37.27 -23.90 -15.01
C LYS B 174 38.19 -22.70 -15.04
N VAL B 175 39.50 -22.95 -15.13
CA VAL B 175 40.49 -21.89 -15.18
C VAL B 175 40.84 -21.45 -16.59
N GLU B 176 40.96 -20.14 -16.80
CA GLU B 176 41.35 -19.61 -18.09
C GLU B 176 42.66 -18.91 -17.84
N ARG B 177 43.33 -18.49 -18.91
CA ARG B 177 44.63 -17.83 -18.75
C ARG B 177 44.75 -16.65 -19.70
N ILE B 178 45.26 -15.54 -19.17
CA ILE B 178 45.46 -14.32 -19.97
C ILE B 178 46.82 -13.74 -19.60
N GLU B 179 47.55 -13.31 -20.63
CA GLU B 179 48.88 -12.74 -20.44
C GLU B 179 48.95 -11.25 -20.76
N TYR B 180 49.65 -10.50 -19.93
CA TYR B 180 49.83 -9.07 -20.14
C TYR B 180 51.28 -8.63 -19.93
N LYS B 181 51.81 -7.88 -20.88
CA LYS B 181 53.18 -7.41 -20.74
C LYS B 181 53.25 -5.89 -20.78
N LYS B 182 53.69 -5.32 -19.65
CA LYS B 182 53.81 -3.88 -19.48
C LYS B 182 54.67 -3.27 -20.57
N PRO B 183 54.05 -2.46 -21.46
CA PRO B 183 54.73 -1.79 -22.58
C PRO B 183 55.65 -0.67 -22.09
N ASP C 1 -45.03 10.20 28.05
CA ASP C 1 -46.27 10.98 27.77
C ASP C 1 -46.77 10.75 26.35
N PHE C 2 -46.42 11.63 25.42
CA PHE C 2 -46.85 11.48 24.03
C PHE C 2 -46.31 10.21 23.40
N ALA C 3 -45.45 9.52 24.15
CA ALA C 3 -44.86 8.28 23.67
C ALA C 3 -45.10 7.14 24.66
N ASP C 4 -46.10 7.30 25.53
CA ASP C 4 -46.40 6.27 26.52
C ASP C 4 -47.21 5.10 25.97
N GLU C 5 -47.63 5.18 24.71
CA GLU C 5 -48.38 4.09 24.11
C GLU C 5 -47.49 3.17 23.28
N GLN C 6 -46.18 3.45 23.26
CA GLN C 6 -45.24 2.64 22.50
C GLN C 6 -45.12 1.21 22.99
N SER C 7 -44.72 1.05 24.26
CA SER C 7 -44.61 -0.27 24.85
C SER C 7 -45.93 -1.00 24.56
N LEU C 8 -47.02 -0.23 24.61
CA LEU C 8 -48.36 -0.73 24.37
C LEU C 8 -48.47 -1.32 22.98
N VAL C 9 -48.07 -0.55 21.96
CA VAL C 9 -48.11 -1.02 20.56
C VAL C 9 -47.22 -2.22 20.33
N GLY C 10 -46.12 -2.31 21.09
CA GLY C 10 -45.21 -3.42 20.97
C GLY C 10 -45.92 -4.74 21.12
N ARG C 11 -46.65 -4.89 22.24
CA ARG C 11 -47.41 -6.11 22.48
C ARG C 11 -48.38 -6.31 21.35
N PHE C 12 -49.16 -5.27 21.08
CA PHE C 12 -50.15 -5.35 20.03
C PHE C 12 -49.52 -5.95 18.76
N ILE C 13 -48.52 -5.26 18.24
CA ILE C 13 -47.84 -5.71 17.04
C ILE C 13 -47.34 -7.14 17.14
N HIS C 14 -46.82 -7.50 18.31
CA HIS C 14 -46.30 -8.84 18.54
C HIS C 14 -47.41 -9.86 18.37
N LEU C 15 -48.44 -9.74 19.19
CA LEU C 15 -49.55 -10.67 19.17
C LEU C 15 -50.33 -10.65 17.87
N LEU C 16 -50.31 -9.54 17.16
CA LEU C 16 -51.04 -9.45 15.90
C LEU C 16 -50.59 -10.57 14.95
N ARG C 17 -49.27 -10.77 14.88
CA ARG C 17 -48.68 -11.77 14.01
C ARG C 17 -49.09 -13.23 14.27
N SER C 18 -49.82 -13.47 15.36
CA SER C 18 -50.25 -14.83 15.65
C SER C 18 -51.65 -15.11 15.12
N GLU C 19 -52.50 -14.09 15.10
CA GLU C 19 -53.85 -14.24 14.58
C GLU C 19 -53.70 -14.61 13.12
N ASP C 20 -54.73 -15.17 12.51
CA ASP C 20 -54.62 -15.54 11.11
C ASP C 20 -54.63 -14.32 10.20
N PRO C 21 -53.97 -14.44 9.04
CA PRO C 21 -53.84 -13.37 8.04
C PRO C 21 -55.07 -12.53 7.66
N ASP C 22 -56.16 -13.15 7.24
CA ASP C 22 -57.34 -12.36 6.86
C ASP C 22 -57.88 -11.58 8.06
N GLN C 23 -57.56 -12.07 9.26
CA GLN C 23 -58.00 -11.45 10.51
C GLN C 23 -57.19 -10.19 10.84
N GLN C 24 -55.90 -10.24 10.56
CA GLN C 24 -54.98 -9.15 10.84
C GLN C 24 -55.29 -7.81 10.19
N TYR C 25 -55.59 -7.80 8.89
CA TYR C 25 -55.89 -6.55 8.20
C TYR C 25 -56.99 -5.77 8.89
N LEU C 26 -58.02 -6.48 9.35
CA LEU C 26 -59.13 -5.86 10.03
C LEU C 26 -58.67 -5.30 11.38
N ILE C 27 -57.93 -6.10 12.13
CA ILE C 27 -57.47 -5.68 13.43
C ILE C 27 -56.48 -4.52 13.28
N LEU C 28 -55.67 -4.57 12.24
CA LEU C 28 -54.68 -3.52 11.97
C LEU C 28 -55.36 -2.21 11.59
N ASN C 29 -56.49 -2.31 10.90
CA ASN C 29 -57.19 -1.12 10.49
C ASN C 29 -57.86 -0.46 11.70
N THR C 30 -58.43 -1.25 12.61
CA THR C 30 -59.06 -0.64 13.77
C THR C 30 -58.00 -0.09 14.71
N ALA C 31 -56.83 -0.73 14.75
CA ALA C 31 -55.76 -0.23 15.60
C ALA C 31 -55.35 1.13 15.06
N ARG C 32 -55.41 1.26 13.74
CA ARG C 32 -55.06 2.51 13.08
C ARG C 32 -56.09 3.58 13.47
N LYS C 33 -57.36 3.30 13.19
CA LYS C 33 -58.43 4.22 13.53
C LYS C 33 -58.31 4.60 15.00
N HIS C 34 -58.08 3.61 15.85
CA HIS C 34 -57.96 3.87 17.28
C HIS C 34 -56.83 4.86 17.59
N PHE C 35 -55.63 4.55 17.12
CA PHE C 35 -54.50 5.45 17.35
C PHE C 35 -54.61 6.69 16.48
N GLY C 36 -55.40 6.59 15.42
CA GLY C 36 -55.59 7.69 14.50
C GLY C 36 -56.23 8.89 15.18
N ALA C 37 -57.15 8.60 16.11
CA ALA C 37 -57.83 9.65 16.86
C ALA C 37 -56.94 10.07 18.03
N GLY C 38 -55.74 9.51 18.07
CA GLY C 38 -54.81 9.80 19.14
C GLY C 38 -54.28 11.22 19.19
N GLY C 39 -54.07 11.81 18.03
CA GLY C 39 -53.56 13.17 17.98
C GLY C 39 -52.59 13.32 16.84
N ASN C 40 -51.61 14.20 17.00
CA ASN C 40 -50.60 14.42 15.97
C ASN C 40 -49.23 14.24 16.57
N GLN C 41 -49.12 14.53 17.86
CA GLN C 41 -47.84 14.39 18.54
C GLN C 41 -47.69 12.96 19.01
N ARG C 42 -48.76 12.18 18.84
CA ARG C 42 -48.77 10.78 19.27
C ARG C 42 -48.55 9.79 18.13
N ILE C 43 -49.21 10.00 17.00
CA ILE C 43 -49.09 9.09 15.87
C ILE C 43 -47.65 8.86 15.41
N ARG C 44 -46.74 9.70 15.87
CA ARG C 44 -45.33 9.62 15.52
C ARG C 44 -44.68 8.35 16.07
N PHE C 45 -45.10 7.93 17.27
CA PHE C 45 -44.55 6.73 17.89
C PHE C 45 -45.51 5.56 17.69
N THR C 46 -46.78 5.90 17.57
CA THR C 46 -47.82 4.91 17.44
C THR C 46 -48.03 4.30 16.04
N LEU C 47 -48.09 5.12 14.99
CA LEU C 47 -48.32 4.58 13.66
C LEU C 47 -47.17 3.82 12.97
N PRO C 48 -45.90 4.18 13.25
CA PRO C 48 -44.85 3.42 12.55
C PRO C 48 -44.91 1.89 12.70
N PRO C 49 -45.03 1.38 13.93
CA PRO C 49 -45.10 -0.08 14.11
C PRO C 49 -46.22 -0.67 13.25
N LEU C 50 -47.33 0.03 13.13
CA LEU C 50 -48.42 -0.46 12.31
C LEU C 50 -47.97 -0.57 10.85
N VAL C 51 -47.07 0.33 10.45
CA VAL C 51 -46.56 0.34 9.08
C VAL C 51 -45.73 -0.93 8.86
N PHE C 52 -44.84 -1.24 9.80
CA PHE C 52 -44.05 -2.46 9.65
C PHE C 52 -44.99 -3.65 9.75
N ALA C 53 -46.07 -3.50 10.51
CA ALA C 53 -47.03 -4.58 10.63
C ALA C 53 -47.47 -4.93 9.23
N ALA C 54 -47.99 -3.93 8.53
CA ALA C 54 -48.49 -4.09 7.16
C ALA C 54 -47.49 -4.85 6.29
N TYR C 55 -46.24 -4.41 6.32
CA TYR C 55 -45.19 -5.04 5.54
C TYR C 55 -45.09 -6.51 5.85
N GLN C 56 -44.85 -6.86 7.11
CA GLN C 56 -44.74 -8.26 7.51
C GLN C 56 -45.98 -9.06 7.12
N LEU C 57 -47.16 -8.43 7.23
CA LEU C 57 -48.39 -9.11 6.87
C LEU C 57 -48.44 -9.33 5.37
N ALA C 58 -47.76 -8.46 4.62
CA ALA C 58 -47.75 -8.59 3.16
C ALA C 58 -47.01 -9.85 2.75
N PHE C 59 -45.97 -10.19 3.51
CA PHE C 59 -45.20 -11.39 3.24
C PHE C 59 -45.99 -12.61 3.69
N ARG C 60 -46.75 -12.45 4.76
CA ARG C 60 -47.55 -13.55 5.27
C ARG C 60 -48.57 -13.93 4.21
N TYR C 61 -49.11 -12.94 3.51
CA TYR C 61 -50.10 -13.23 2.49
C TYR C 61 -49.50 -14.10 1.39
N LYS C 62 -48.23 -13.88 1.08
CA LYS C 62 -47.56 -14.66 0.04
C LYS C 62 -47.18 -16.05 0.53
N GLU C 63 -46.68 -16.14 1.75
CA GLU C 63 -46.30 -17.43 2.29
C GLU C 63 -47.53 -18.32 2.40
N ASN C 64 -48.69 -17.75 2.10
CA ASN C 64 -49.95 -18.58 2.11
C ASN C 64 -50.37 -18.69 0.63
N SER C 65 -49.31 -18.78 -0.16
CA SER C 65 -49.45 -18.50 -1.59
C SER C 65 -49.97 -19.40 -2.60
N LYS C 66 -50.41 -20.52 -2.05
CA LYS C 66 -51.18 -21.35 -2.95
C LYS C 66 -52.52 -21.64 -2.23
N VAL C 67 -52.64 -21.37 -0.93
CA VAL C 67 -53.91 -21.71 -0.31
C VAL C 67 -54.97 -20.65 -0.56
N ASP C 68 -54.55 -19.53 -1.10
CA ASP C 68 -55.47 -18.44 -1.39
C ASP C 68 -55.28 -17.98 -2.82
N ASP C 69 -56.33 -17.55 -3.49
CA ASP C 69 -56.16 -17.13 -4.86
C ASP C 69 -56.14 -15.61 -5.02
N LYS C 70 -56.62 -14.94 -3.98
CA LYS C 70 -56.70 -13.49 -3.94
C LYS C 70 -55.58 -12.87 -3.08
N TRP C 71 -54.56 -13.66 -2.76
CA TRP C 71 -53.46 -13.16 -1.93
C TRP C 71 -52.80 -11.93 -2.53
N GLU C 72 -52.74 -11.88 -3.87
CA GLU C 72 -52.15 -10.74 -4.54
C GLU C 72 -53.03 -9.51 -4.36
N LYS C 73 -54.33 -9.73 -4.22
CA LYS C 73 -55.26 -8.63 -4.02
C LYS C 73 -55.12 -8.13 -2.59
N LYS C 74 -54.94 -9.04 -1.64
CA LYS C 74 -54.79 -8.63 -0.25
C LYS C 74 -53.54 -7.77 -0.10
N CYS C 75 -52.45 -8.19 -0.73
CA CYS C 75 -51.18 -7.44 -0.68
C CYS C 75 -51.36 -6.02 -1.21
N GLN C 76 -52.08 -5.87 -2.31
CA GLN C 76 -52.31 -4.54 -2.86
C GLN C 76 -53.06 -3.65 -1.87
N LYS C 77 -54.03 -4.23 -1.18
CA LYS C 77 -54.80 -3.47 -0.20
C LYS C 77 -53.93 -3.12 1.02
N ILE C 78 -53.13 -4.05 1.49
CA ILE C 78 -52.31 -3.77 2.63
C ILE C 78 -51.25 -2.70 2.31
N PHE C 79 -50.77 -2.65 1.07
CA PHE C 79 -49.77 -1.64 0.70
C PHE C 79 -50.44 -0.31 0.50
N SER C 80 -51.74 -0.36 0.26
CA SER C 80 -52.51 0.86 0.08
C SER C 80 -52.73 1.40 1.49
N PHE C 81 -52.78 0.47 2.45
CA PHE C 81 -52.97 0.83 3.85
C PHE C 81 -51.72 1.49 4.39
N ALA C 82 -50.57 0.93 4.04
CA ALA C 82 -49.31 1.49 4.50
C ALA C 82 -49.11 2.86 3.88
N HIS C 83 -49.42 2.99 2.60
CA HIS C 83 -49.23 4.27 1.94
C HIS C 83 -50.02 5.32 2.69
N GLN C 84 -51.23 4.93 3.08
CA GLN C 84 -52.16 5.78 3.82
C GLN C 84 -51.61 6.14 5.20
N THR C 85 -51.29 5.13 5.98
CA THR C 85 -50.77 5.37 7.30
C THR C 85 -49.57 6.33 7.27
N ILE C 86 -48.65 6.15 6.33
CA ILE C 86 -47.49 7.02 6.26
C ILE C 86 -47.90 8.45 5.91
N SER C 87 -48.80 8.61 4.95
CA SER C 87 -49.25 9.95 4.58
C SER C 87 -49.82 10.68 5.79
N ALA C 88 -50.33 9.91 6.76
CA ALA C 88 -50.87 10.49 7.97
C ALA C 88 -49.74 11.21 8.71
N LEU C 89 -48.58 10.58 8.82
CA LEU C 89 -47.44 11.19 9.50
C LEU C 89 -46.94 12.45 8.83
N ILE C 90 -47.04 12.53 7.51
CA ILE C 90 -46.60 13.71 6.79
C ILE C 90 -47.49 14.89 7.15
N LYS C 91 -48.79 14.63 7.23
CA LYS C 91 -49.78 15.64 7.59
C LYS C 91 -49.47 16.20 8.98
N ALA C 92 -48.88 15.36 9.83
CA ALA C 92 -48.53 15.74 11.19
C ALA C 92 -47.13 16.35 11.17
N GLU C 93 -46.80 16.96 10.04
CA GLU C 93 -45.52 17.62 9.80
C GLU C 93 -44.27 16.83 10.19
N LEU C 94 -44.15 15.63 9.63
CA LEU C 94 -42.99 14.78 9.87
C LEU C 94 -42.37 14.55 8.50
N ALA C 95 -41.07 14.33 8.45
CA ALA C 95 -40.41 14.10 7.17
C ALA C 95 -39.43 12.92 7.22
N GLU C 96 -38.38 13.07 8.03
CA GLU C 96 -37.36 12.03 8.16
C GLU C 96 -37.98 10.65 8.27
N LEU C 97 -38.81 10.47 9.29
CA LEU C 97 -39.46 9.19 9.51
C LEU C 97 -40.23 8.67 8.30
N PRO C 98 -41.15 9.47 7.76
CA PRO C 98 -41.93 9.04 6.59
C PRO C 98 -41.07 8.69 5.38
N LEU C 99 -39.98 9.42 5.18
CA LEU C 99 -39.11 9.14 4.06
C LEU C 99 -38.53 7.72 4.20
N ARG C 100 -38.06 7.38 5.39
CA ARG C 100 -37.52 6.07 5.61
C ARG C 100 -38.60 4.96 5.51
N LEU C 101 -39.80 5.23 6.01
CA LEU C 101 -40.88 4.24 5.95
C LEU C 101 -41.35 3.97 4.52
N PHE C 102 -41.22 4.95 3.63
CA PHE C 102 -41.60 4.75 2.23
C PHE C 102 -40.55 3.86 1.57
N LEU C 103 -39.29 4.06 1.97
CA LEU C 103 -38.20 3.29 1.43
C LEU C 103 -38.42 1.84 1.80
N GLN C 104 -38.71 1.58 3.07
CA GLN C 104 -38.94 0.23 3.52
C GLN C 104 -40.07 -0.41 2.73
N GLY C 105 -41.10 0.38 2.46
CA GLY C 105 -42.22 -0.11 1.68
C GLY C 105 -41.77 -0.42 0.28
N ALA C 106 -40.92 0.42 -0.27
CA ALA C 106 -40.44 0.16 -1.60
C ALA C 106 -39.71 -1.21 -1.60
N LEU C 107 -38.78 -1.39 -0.68
CA LEU C 107 -38.06 -2.65 -0.62
C LEU C 107 -39.02 -3.82 -0.50
N ALA C 108 -39.99 -3.70 0.39
CA ALA C 108 -40.95 -4.79 0.62
C ALA C 108 -41.70 -5.19 -0.65
N ALA C 109 -42.28 -4.22 -1.33
CA ALA C 109 -43.02 -4.47 -2.55
C ALA C 109 -42.13 -5.10 -3.60
N GLY C 110 -40.86 -4.72 -3.60
CA GLY C 110 -39.95 -5.28 -4.57
C GLY C 110 -39.78 -6.77 -4.36
N GLU C 111 -39.48 -7.14 -3.13
CA GLU C 111 -39.28 -8.53 -2.75
C GLU C 111 -40.50 -9.45 -2.89
N ILE C 112 -41.69 -8.95 -2.60
CA ILE C 112 -42.87 -9.80 -2.66
C ILE C 112 -43.35 -10.15 -4.07
N GLY C 113 -43.27 -9.21 -5.00
CA GLY C 113 -43.66 -9.52 -6.36
C GLY C 113 -45.10 -9.86 -6.65
N PHE C 114 -46.02 -9.47 -5.79
CA PHE C 114 -47.43 -9.72 -6.07
C PHE C 114 -47.68 -8.93 -7.34
N GLU C 115 -48.87 -9.02 -7.91
CA GLU C 115 -49.08 -8.27 -9.14
C GLU C 115 -49.34 -6.78 -8.96
N ASN C 116 -48.64 -5.99 -9.77
CA ASN C 116 -48.71 -4.54 -9.77
C ASN C 116 -47.70 -4.03 -8.73
N HIS C 117 -46.94 -4.97 -8.17
CA HIS C 117 -45.92 -4.67 -7.16
C HIS C 117 -44.90 -3.63 -7.61
N GLU C 118 -44.53 -3.66 -8.89
CA GLU C 118 -43.57 -2.71 -9.44
C GLU C 118 -44.14 -1.28 -9.42
N THR C 119 -45.40 -1.13 -9.80
CA THR C 119 -46.07 0.15 -9.82
C THR C 119 -46.11 0.71 -8.40
N VAL C 120 -46.43 -0.16 -7.45
CA VAL C 120 -46.50 0.21 -6.05
C VAL C 120 -45.13 0.65 -5.54
N ALA C 121 -44.12 -0.16 -5.85
CA ALA C 121 -42.75 0.09 -5.44
C ALA C 121 -42.29 1.43 -5.99
N TYR C 122 -42.69 1.74 -7.22
CA TYR C 122 -42.26 3.00 -7.83
C TYR C 122 -42.95 4.18 -7.16
N GLU C 123 -44.19 3.97 -6.76
CA GLU C 123 -44.94 5.01 -6.07
C GLU C 123 -44.27 5.30 -4.74
N PHE C 124 -43.91 4.24 -4.02
CA PHE C 124 -43.26 4.39 -2.72
C PHE C 124 -41.91 5.06 -2.81
N SER C 126 -40.84 7.34 -5.39
CA SER C 126 -40.97 8.75 -5.70
C SER C 126 -41.59 9.49 -4.53
N GLN C 127 -42.41 8.79 -3.75
CA GLN C 127 -43.01 9.45 -2.61
C GLN C 127 -41.89 9.80 -1.64
N ALA C 128 -40.93 8.90 -1.52
CA ALA C 128 -39.78 9.11 -0.63
C ALA C 128 -38.97 10.27 -1.17
N PHE C 129 -38.79 10.30 -2.49
CA PHE C 129 -38.03 11.36 -3.12
C PHE C 129 -38.70 12.72 -2.91
N SER C 130 -40.03 12.73 -2.96
CA SER C 130 -40.80 13.95 -2.77
C SER C 130 -40.48 14.54 -1.41
N LEU C 131 -40.49 13.72 -0.37
CA LEU C 131 -40.17 14.21 0.96
C LEU C 131 -38.77 14.77 0.97
N TYR C 132 -37.85 14.11 0.29
CA TYR C 132 -36.48 14.58 0.25
C TYR C 132 -36.40 16.00 -0.29
N GLU C 133 -37.01 16.25 -1.45
CA GLU C 133 -36.94 17.59 -2.02
C GLU C 133 -37.63 18.59 -1.12
N ASP C 134 -38.96 18.51 -1.11
CA ASP C 134 -39.79 19.39 -0.32
C ASP C 134 -39.46 19.60 1.17
N GLU C 135 -39.54 18.55 1.97
CA GLU C 135 -39.31 18.71 3.42
C GLU C 135 -37.93 18.61 4.06
N ILE C 136 -36.91 18.16 3.35
CA ILE C 136 -35.61 18.09 4.01
C ILE C 136 -34.64 19.17 3.51
N SER C 137 -34.36 20.13 4.39
CA SER C 137 -33.49 21.26 4.06
C SER C 137 -32.09 21.25 4.68
N ASP C 138 -31.97 20.71 5.88
CA ASP C 138 -30.69 20.65 6.56
C ASP C 138 -29.67 19.88 5.71
N SER C 139 -28.43 20.36 5.65
CA SER C 139 -27.37 19.71 4.87
C SER C 139 -27.05 18.30 5.33
N LYS C 140 -26.89 18.14 6.64
CA LYS C 140 -26.58 16.85 7.24
C LYS C 140 -27.66 15.82 6.99
N ALA C 141 -28.90 16.23 7.21
CA ALA C 141 -30.05 15.35 7.00
C ALA C 141 -30.12 14.91 5.54
N GLN C 142 -29.65 15.76 4.64
CA GLN C 142 -29.65 15.48 3.21
C GLN C 142 -28.73 14.32 2.85
N LEU C 143 -27.46 14.47 3.20
CA LEU C 143 -26.45 13.45 2.91
C LEU C 143 -26.95 12.10 3.43
N ALA C 144 -27.55 12.11 4.62
CA ALA C 144 -28.06 10.90 5.22
C ALA C 144 -29.28 10.36 4.46
N ALA C 145 -30.18 11.26 4.11
CA ALA C 145 -31.39 10.87 3.41
C ALA C 145 -31.15 10.38 1.97
N ILE C 146 -30.24 11.03 1.26
CA ILE C 146 -29.96 10.63 -0.12
C ILE C 146 -29.11 9.37 -0.15
N THR C 147 -28.28 9.21 0.88
CA THR C 147 -27.43 8.05 0.96
C THR C 147 -28.34 6.84 1.28
N LEU C 148 -29.42 7.08 2.00
CA LEU C 148 -30.35 6.01 2.34
C LEU C 148 -31.16 5.64 1.08
N ILE C 149 -31.49 6.64 0.28
CA ILE C 149 -32.26 6.40 -0.94
C ILE C 149 -31.44 5.59 -1.94
N ILE C 150 -30.16 5.95 -2.06
CA ILE C 150 -29.26 5.26 -2.98
C ILE C 150 -28.99 3.81 -2.50
N GLY C 151 -28.79 3.66 -1.20
CA GLY C 151 -28.54 2.33 -0.69
C GLY C 151 -29.72 1.40 -0.86
N THR C 152 -30.92 1.97 -0.78
CA THR C 152 -32.14 1.20 -0.92
C THR C 152 -32.40 0.83 -2.37
N PHE C 153 -32.29 1.83 -3.24
CA PHE C 153 -32.51 1.63 -4.66
C PHE C 153 -31.55 0.59 -5.26
N GLU C 154 -30.34 0.56 -4.70
CA GLU C 154 -29.28 -0.34 -5.14
C GLU C 154 -29.56 -1.81 -4.85
N ARG C 155 -30.41 -2.07 -3.87
CA ARG C 155 -30.74 -3.45 -3.51
C ARG C 155 -31.93 -3.95 -4.33
N LYS C 157 -34.35 -4.88 -7.43
CA LYS C 157 -34.20 -5.47 -8.75
C LYS C 157 -35.50 -5.62 -9.53
N CYS C 158 -36.59 -5.08 -8.99
CA CYS C 158 -37.90 -5.20 -9.62
C CYS C 158 -38.22 -4.23 -10.75
N PHE C 159 -37.55 -3.08 -10.78
CA PHE C 159 -37.82 -2.08 -11.79
C PHE C 159 -37.39 -2.39 -13.20
N SER C 160 -38.22 -1.98 -14.14
CA SER C 160 -37.93 -2.15 -15.56
C SER C 160 -37.07 -0.94 -15.92
N GLU C 161 -36.25 -1.07 -16.96
CA GLU C 161 -35.39 0.05 -17.35
C GLU C 161 -36.17 1.36 -17.48
N GLU C 162 -37.43 1.29 -17.88
CA GLU C 162 -38.23 2.51 -18.03
C GLU C 162 -38.39 3.23 -16.69
N ASN C 163 -38.34 2.48 -15.60
CA ASN C 163 -38.47 3.06 -14.27
C ASN C 163 -37.11 3.25 -13.59
N HIS C 164 -36.22 2.31 -13.84
CA HIS C 164 -34.90 2.33 -13.25
C HIS C 164 -34.08 3.53 -13.72
N GLU C 165 -34.19 3.90 -15.00
CA GLU C 165 -33.42 5.03 -15.53
C GLU C 165 -33.79 6.37 -14.92
N PRO C 166 -35.07 6.57 -14.62
CA PRO C 166 -35.45 7.85 -14.02
C PRO C 166 -34.87 7.96 -12.59
N LEU C 167 -35.18 6.98 -11.74
CA LEU C 167 -34.68 6.96 -10.37
C LEU C 167 -33.18 7.07 -10.35
N ARG C 168 -32.56 6.34 -11.27
CA ARG C 168 -31.12 6.33 -11.40
C ARG C 168 -30.63 7.77 -11.66
N THR C 169 -31.17 8.44 -12.67
CA THR C 169 -30.73 9.81 -12.96
C THR C 169 -31.11 10.77 -11.83
N GLN C 170 -32.29 10.58 -11.27
CA GLN C 170 -32.78 11.43 -10.19
C GLN C 170 -31.86 11.42 -8.98
N CYS C 171 -31.23 10.28 -8.70
CA CYS C 171 -30.32 10.20 -7.56
C CYS C 171 -29.05 10.98 -7.83
N ALA C 172 -28.53 10.83 -9.03
CA ALA C 172 -27.33 11.53 -9.45
C ALA C 172 -27.49 13.05 -9.31
N LEU C 173 -28.60 13.58 -9.80
CA LEU C 173 -28.85 15.02 -9.69
C LEU C 173 -28.96 15.41 -8.23
N ALA C 174 -29.80 14.70 -7.48
CA ALA C 174 -29.95 15.03 -6.08
C ALA C 174 -28.59 15.12 -5.40
N ALA C 175 -27.72 14.18 -5.75
CA ALA C 175 -26.38 14.11 -5.19
C ALA C 175 -25.51 15.30 -5.54
N SER C 176 -25.44 15.60 -6.83
CA SER C 176 -24.63 16.72 -7.29
C SER C 176 -25.14 18.08 -6.80
N LYS C 177 -26.35 18.10 -6.26
CA LYS C 177 -26.95 19.34 -5.80
C LYS C 177 -26.94 19.56 -4.29
N LEU C 178 -26.27 18.69 -3.55
CA LEU C 178 -26.22 18.86 -2.11
C LEU C 178 -25.57 20.19 -1.73
N LEU C 179 -25.88 20.67 -0.54
CA LEU C 179 -25.36 21.94 -0.03
C LEU C 179 -23.85 22.14 -0.11
N LYS C 180 -23.10 21.32 0.61
CA LYS C 180 -21.65 21.46 0.63
C LYS C 180 -20.92 20.71 -0.48
N LYS C 181 -19.70 21.14 -0.79
CA LYS C 181 -18.91 20.48 -1.83
C LYS C 181 -18.48 19.09 -1.36
N PRO C 182 -18.15 18.94 -0.06
CA PRO C 182 -17.73 17.66 0.50
C PRO C 182 -18.80 16.58 0.33
N ASP C 183 -19.98 16.83 0.87
CA ASP C 183 -21.10 15.90 0.79
C ASP C 183 -21.48 15.63 -0.68
N GLN C 184 -21.43 16.68 -1.48
CA GLN C 184 -21.74 16.59 -2.90
C GLN C 184 -20.84 15.53 -3.56
N GLY C 185 -19.55 15.60 -3.25
CA GLY C 185 -18.59 14.66 -3.80
C GLY C 185 -18.73 13.23 -3.33
N ARG C 186 -18.98 13.04 -2.04
CA ARG C 186 -19.14 11.70 -1.53
C ARG C 186 -20.39 11.07 -2.16
N ALA C 187 -21.50 11.80 -2.11
CA ALA C 187 -22.74 11.31 -2.66
C ALA C 187 -22.65 10.94 -4.13
N VAL C 188 -22.14 11.85 -4.96
CA VAL C 188 -22.04 11.58 -6.39
C VAL C 188 -21.25 10.32 -6.70
N SER C 189 -20.22 10.06 -5.90
CA SER C 189 -19.42 8.87 -6.13
C SER C 189 -20.21 7.66 -5.62
N THR C 190 -20.99 7.84 -4.58
CA THR C 190 -21.77 6.71 -4.10
C THR C 190 -22.73 6.29 -5.21
N CYS C 191 -23.20 7.25 -6.00
CA CYS C 191 -24.11 6.90 -7.08
C CYS C 191 -23.43 5.99 -8.08
N ALA C 192 -22.11 5.96 -8.06
CA ALA C 192 -21.41 5.10 -8.99
C ALA C 192 -22.06 3.73 -8.94
N HIS C 193 -22.12 3.18 -7.73
CA HIS C 193 -22.72 1.87 -7.46
C HIS C 193 -24.06 1.63 -8.14
N LEU C 194 -24.87 2.67 -8.32
CA LEU C 194 -26.17 2.47 -8.95
C LEU C 194 -26.02 2.03 -10.41
N PHE C 195 -24.95 2.49 -11.05
CA PHE C 195 -24.71 2.13 -12.45
C PHE C 195 -23.92 0.84 -12.62
N TRP C 196 -23.44 0.28 -11.53
CA TRP C 196 -22.66 -0.96 -11.60
C TRP C 196 -23.39 -2.17 -11.03
N SER C 197 -23.79 -2.12 -9.77
CA SER C 197 -24.47 -3.22 -9.14
C SER C 197 -26.00 -3.17 -9.26
N GLY C 198 -26.52 -2.03 -9.73
CA GLY C 198 -27.95 -1.88 -9.88
C GLY C 198 -28.48 -2.94 -10.84
N ARG C 199 -29.71 -3.39 -10.63
CA ARG C 199 -30.29 -4.42 -11.48
C ARG C 199 -31.68 -4.09 -12.01
N ASN C 200 -31.84 -4.12 -13.31
CA ASN C 200 -33.13 -3.86 -13.93
C ASN C 200 -33.62 -5.21 -14.47
N THR C 201 -34.92 -5.30 -14.74
CA THR C 201 -35.49 -6.54 -15.24
C THR C 201 -35.22 -6.80 -16.73
N ASP C 202 -34.35 -6.02 -17.35
CA ASP C 202 -34.07 -6.23 -18.77
C ASP C 202 -32.90 -7.15 -19.07
N LYS C 203 -31.86 -7.11 -18.24
CA LYS C 203 -30.71 -7.99 -18.44
C LYS C 203 -31.03 -9.34 -17.84
N ASN C 204 -32.33 -9.54 -17.62
CA ASN C 204 -32.87 -10.77 -17.04
C ASN C 204 -32.16 -11.15 -15.74
N GLY C 205 -32.16 -10.24 -14.77
CA GLY C 205 -31.55 -10.53 -13.48
C GLY C 205 -30.12 -10.10 -13.31
N GLU C 206 -29.42 -9.84 -14.41
CA GLU C 206 -28.02 -9.41 -14.35
C GLU C 206 -27.87 -7.92 -14.04
N GLU C 207 -26.73 -7.57 -13.45
CA GLU C 207 -26.45 -6.19 -13.11
C GLU C 207 -26.06 -5.47 -14.41
N LEU C 208 -26.32 -4.16 -14.48
CA LEU C 208 -25.99 -3.43 -15.69
C LEU C 208 -24.50 -3.31 -15.97
N HIS C 209 -23.69 -3.28 -14.91
CA HIS C 209 -22.26 -3.16 -15.09
C HIS C 209 -21.89 -2.10 -16.12
N GLY C 210 -22.28 -0.86 -15.86
CA GLY C 210 -21.97 0.23 -16.78
C GLY C 210 -20.66 0.90 -16.40
N GLY C 211 -19.55 0.18 -16.58
CA GLY C 211 -18.25 0.74 -16.24
C GLY C 211 -18.14 2.17 -16.71
N LYS C 212 -18.60 2.41 -17.92
CA LYS C 212 -18.57 3.72 -18.53
C LYS C 212 -19.23 4.80 -17.67
N ARG C 213 -20.47 4.53 -17.25
CA ARG C 213 -21.22 5.48 -16.43
C ARG C 213 -20.63 5.57 -15.04
N VAL C 214 -20.01 4.48 -14.58
CA VAL C 214 -19.41 4.48 -13.25
C VAL C 214 -18.25 5.45 -13.25
N GLU C 216 -17.80 8.16 -15.31
CA GLU C 216 -18.26 9.53 -15.42
C GLU C 216 -18.72 10.01 -14.04
N CYS C 217 -19.33 9.12 -13.27
CA CYS C 217 -19.79 9.47 -11.93
C CYS C 217 -18.62 9.86 -11.05
N LEU C 218 -17.59 9.01 -11.01
CA LEU C 218 -16.41 9.28 -10.20
C LEU C 218 -15.66 10.46 -10.80
N LYS C 219 -15.81 10.65 -12.11
CA LYS C 219 -15.17 11.75 -12.81
C LYS C 219 -15.75 13.05 -12.26
N LYS C 220 -17.08 13.19 -12.33
CA LYS C 220 -17.76 14.38 -11.82
C LYS C 220 -17.36 14.56 -10.36
N ALA C 221 -17.21 13.44 -9.66
CA ALA C 221 -16.84 13.47 -8.26
C ALA C 221 -15.49 14.16 -8.11
N LEU C 222 -14.56 13.83 -9.00
CA LEU C 222 -13.23 14.44 -8.95
C LEU C 222 -13.28 15.94 -9.15
N LYS C 223 -14.06 16.36 -10.13
CA LYS C 223 -14.23 17.78 -10.42
C LYS C 223 -14.64 18.49 -9.13
N ILE C 224 -15.57 17.89 -8.41
CA ILE C 224 -16.06 18.44 -7.16
C ILE C 224 -14.93 18.52 -6.14
N ALA C 225 -13.97 17.63 -6.26
CA ALA C 225 -12.85 17.62 -5.33
C ALA C 225 -11.96 18.84 -5.51
N ASN C 226 -11.60 19.12 -6.76
CA ASN C 226 -10.74 20.24 -7.11
C ASN C 226 -11.25 21.60 -6.66
N GLN C 227 -12.51 21.67 -6.26
CA GLN C 227 -13.07 22.93 -5.85
C GLN C 227 -13.25 23.06 -4.35
N CYS C 228 -13.22 21.94 -3.63
CA CYS C 228 -13.40 21.95 -2.19
C CYS C 228 -12.69 23.08 -1.45
N ASP C 230 -9.83 23.62 0.36
CA ASP C 230 -9.43 23.40 1.72
C ASP C 230 -8.37 22.32 1.67
N PRO C 231 -7.18 22.59 2.21
CA PRO C 231 -6.13 21.58 2.19
C PRO C 231 -6.59 20.22 2.73
N SER C 232 -6.98 20.22 4.00
CA SER C 232 -7.40 19.02 4.71
C SER C 232 -8.55 18.19 4.12
N LEU C 233 -9.66 18.84 3.78
CA LEU C 233 -10.80 18.10 3.23
C LEU C 233 -10.61 17.80 1.76
N GLN C 234 -9.92 18.70 1.06
CA GLN C 234 -9.67 18.51 -0.36
C GLN C 234 -9.02 17.16 -0.58
N VAL C 235 -7.92 16.94 0.11
CA VAL C 235 -7.18 15.69 -0.01
C VAL C 235 -8.00 14.50 0.45
N GLN C 236 -8.57 14.66 1.64
CA GLN C 236 -9.38 13.60 2.23
C GLN C 236 -10.47 13.13 1.28
N LEU C 237 -10.97 14.04 0.46
CA LEU C 237 -12.01 13.69 -0.51
C LEU C 237 -11.36 12.95 -1.67
N PHE C 238 -10.07 13.19 -1.87
CA PHE C 238 -9.33 12.53 -2.95
C PHE C 238 -9.04 11.08 -2.60
N ILE C 239 -8.63 10.86 -1.35
CA ILE C 239 -8.32 9.52 -0.87
C ILE C 239 -9.57 8.64 -0.94
N GLU C 240 -10.72 9.23 -0.62
CA GLU C 240 -11.98 8.49 -0.66
C GLU C 240 -12.37 8.15 -2.10
N ILE C 241 -12.28 9.12 -2.99
CA ILE C 241 -12.62 8.85 -4.38
C ILE C 241 -11.63 7.83 -4.98
N LEU C 242 -10.44 7.74 -4.40
CA LEU C 242 -9.41 6.80 -4.86
C LEU C 242 -9.79 5.37 -4.47
N ASN C 243 -10.23 5.20 -3.23
CA ASN C 243 -10.63 3.88 -2.75
C ASN C 243 -11.83 3.41 -3.56
N ARG C 244 -12.70 4.36 -3.90
CA ARG C 244 -13.90 4.07 -4.67
C ARG C 244 -13.54 3.57 -6.06
N TYR C 245 -12.51 4.17 -6.66
CA TYR C 245 -12.07 3.74 -7.99
C TYR C 245 -11.62 2.29 -7.83
N ILE C 246 -10.82 2.06 -6.79
CA ILE C 246 -10.31 0.74 -6.48
C ILE C 246 -11.45 -0.27 -6.32
N TYR C 247 -12.53 0.13 -5.68
CA TYR C 247 -13.67 -0.75 -5.51
C TYR C 247 -14.13 -1.34 -6.86
N PHE C 248 -14.20 -0.48 -7.88
CA PHE C 248 -14.64 -0.92 -9.20
C PHE C 248 -13.53 -1.59 -9.99
N TYR C 249 -12.30 -1.14 -9.77
CA TYR C 249 -11.15 -1.72 -10.45
C TYR C 249 -11.15 -3.21 -10.13
N GLU C 250 -11.10 -3.53 -8.85
CA GLU C 250 -11.07 -4.90 -8.39
C GLU C 250 -12.31 -5.72 -8.71
N LYS C 251 -13.34 -5.09 -9.28
CA LYS C 251 -14.54 -5.85 -9.65
C LYS C 251 -14.41 -6.11 -11.14
N GLU C 252 -13.22 -5.85 -11.65
CA GLU C 252 -12.91 -6.05 -13.05
C GLU C 252 -13.72 -5.17 -14.00
N ASN C 253 -13.81 -3.89 -13.65
CA ASN C 253 -14.50 -2.91 -14.49
C ASN C 253 -13.42 -2.34 -15.41
N ASP C 254 -13.29 -2.95 -16.59
CA ASP C 254 -12.29 -2.55 -17.58
C ASP C 254 -11.98 -1.05 -17.68
N ALA C 255 -12.99 -0.21 -17.54
CA ALA C 255 -12.79 1.23 -17.65
C ALA C 255 -11.79 1.79 -16.63
N VAL C 256 -11.81 1.26 -15.41
CA VAL C 256 -10.89 1.73 -14.38
C VAL C 256 -9.47 1.25 -14.66
N THR C 257 -8.71 2.05 -15.41
CA THR C 257 -7.35 1.68 -15.75
C THR C 257 -6.42 1.93 -14.58
N ILE C 258 -5.26 1.29 -14.59
CA ILE C 258 -4.29 1.46 -13.52
C ILE C 258 -3.66 2.86 -13.62
N GLN C 259 -3.68 3.42 -14.83
CA GLN C 259 -3.15 4.75 -15.07
C GLN C 259 -3.95 5.78 -14.29
N VAL C 260 -5.27 5.59 -14.26
CA VAL C 260 -6.13 6.51 -13.53
C VAL C 260 -5.79 6.45 -12.05
N LEU C 261 -5.67 5.24 -11.51
CA LEU C 261 -5.33 5.07 -10.11
C LEU C 261 -4.01 5.74 -9.79
N ASN C 262 -3.08 5.68 -10.75
CA ASN C 262 -1.77 6.28 -10.55
C ASN C 262 -1.82 7.79 -10.49
N GLN C 263 -2.60 8.37 -11.40
CA GLN C 263 -2.73 9.82 -11.46
C GLN C 263 -3.32 10.35 -10.16
N LEU C 264 -4.29 9.64 -9.61
CA LEU C 264 -4.91 10.09 -8.36
C LEU C 264 -4.01 9.87 -7.15
N ILE C 265 -3.31 8.76 -7.11
CA ILE C 265 -2.42 8.49 -5.98
C ILE C 265 -1.30 9.53 -6.00
N GLN C 266 -0.85 9.88 -7.21
CA GLN C 266 0.21 10.86 -7.36
C GLN C 266 -0.19 12.23 -6.81
N LYS C 267 -1.32 12.75 -7.30
CA LYS C 267 -1.82 14.04 -6.86
C LYS C 267 -1.91 14.04 -5.33
N ILE C 268 -2.37 12.92 -4.78
CA ILE C 268 -2.51 12.81 -3.33
C ILE C 268 -1.14 12.88 -2.64
N ARG C 269 -0.09 12.48 -3.35
CA ARG C 269 1.27 12.51 -2.80
C ARG C 269 1.74 13.96 -2.74
N GLU C 270 1.44 14.69 -3.81
CA GLU C 270 1.84 16.09 -3.94
C GLU C 270 1.02 17.03 -3.06
N ASP C 271 0.07 16.48 -2.30
CA ASP C 271 -0.75 17.35 -1.45
C ASP C 271 -0.81 16.95 0.02
N LEU C 272 -0.81 15.65 0.28
CA LEU C 272 -0.87 15.18 1.66
C LEU C 272 0.17 15.83 2.59
N PRO C 273 1.40 16.07 2.09
CA PRO C 273 2.47 16.70 2.88
C PRO C 273 2.22 18.09 3.50
N ASN C 274 1.46 18.93 2.81
CA ASN C 274 1.21 20.29 3.30
C ASN C 274 0.07 20.40 4.33
N LEU C 275 0.23 19.74 5.46
CA LEU C 275 -0.79 19.78 6.51
C LEU C 275 -0.17 19.94 7.88
N GLU C 276 -0.85 20.66 8.76
CA GLU C 276 -0.35 20.86 10.11
C GLU C 276 -0.53 19.59 10.92
N SER C 277 0.51 19.19 11.66
CA SER C 277 0.44 18.00 12.48
C SER C 277 -0.88 18.08 13.25
N SER C 278 -1.74 17.09 13.06
CA SER C 278 -3.03 17.06 13.71
C SER C 278 -3.41 15.66 14.12
N GLU C 279 -4.47 15.57 14.92
CA GLU C 279 -4.98 14.29 15.34
C GLU C 279 -5.54 13.72 14.04
N GLU C 280 -6.03 14.63 13.20
CA GLU C 280 -6.59 14.26 11.90
C GLU C 280 -5.55 14.09 10.81
N THR C 281 -4.77 15.14 10.57
CA THR C 281 -3.73 15.12 9.54
C THR C 281 -2.96 13.80 9.55
N GLU C 282 -2.80 13.21 10.72
CA GLU C 282 -2.09 11.96 10.85
C GLU C 282 -2.93 10.80 10.33
N GLN C 283 -4.23 10.83 10.64
CA GLN C 283 -5.17 9.79 10.21
C GLN C 283 -5.35 9.77 8.69
N ILE C 284 -5.22 10.93 8.06
CA ILE C 284 -5.36 11.03 6.61
C ILE C 284 -4.15 10.40 5.92
N ASN C 285 -3.05 10.30 6.65
CA ASN C 285 -1.84 9.69 6.10
C ASN C 285 -2.02 8.20 6.26
N LYS C 286 -2.44 7.79 7.46
CA LYS C 286 -2.66 6.37 7.74
C LYS C 286 -3.66 5.83 6.73
N HIS C 287 -4.70 6.62 6.47
CA HIS C 287 -5.75 6.23 5.53
C HIS C 287 -5.14 6.02 4.15
N PHE C 288 -4.38 7.00 3.69
CA PHE C 288 -3.74 6.94 2.39
C PHE C 288 -2.75 5.77 2.35
N HIS C 289 -2.06 5.54 3.47
CA HIS C 289 -1.10 4.45 3.53
C HIS C 289 -1.82 3.12 3.50
N ASN C 290 -2.93 3.03 4.22
CA ASN C 290 -3.74 1.82 4.23
C ASN C 290 -4.14 1.51 2.79
N THR C 291 -4.53 2.55 2.07
CA THR C 291 -4.96 2.41 0.69
C THR C 291 -3.80 1.93 -0.19
N LEU C 292 -2.62 2.49 0.04
CA LEU C 292 -1.47 2.09 -0.75
C LEU C 292 -0.98 0.71 -0.35
N GLU C 293 -1.12 0.38 0.92
CA GLU C 293 -0.68 -0.93 1.39
C GLU C 293 -1.61 -1.96 0.77
N HIS C 294 -2.86 -1.57 0.56
CA HIS C 294 -3.85 -2.46 -0.02
C HIS C 294 -3.52 -2.75 -1.48
N LEU C 295 -2.95 -1.76 -2.17
CA LEU C 295 -2.58 -1.92 -3.56
C LEU C 295 -1.24 -2.63 -3.71
N ARG C 296 -0.61 -2.89 -2.57
CA ARG C 296 0.68 -3.57 -2.51
C ARG C 296 1.85 -2.66 -2.86
N LEU C 297 1.57 -1.38 -3.04
CA LEU C 297 2.61 -0.42 -3.37
C LEU C 297 3.24 0.14 -2.10
N ARG C 298 3.08 -0.59 -0.99
CA ARG C 298 3.61 -0.13 0.30
C ARG C 298 3.42 -1.21 1.37
N PHE D 2 24.44 -7.92 17.52
CA PHE D 2 25.87 -8.36 17.54
C PHE D 2 26.22 -9.17 16.29
N ALA D 3 27.52 -9.33 16.05
CA ALA D 3 28.04 -10.06 14.90
C ALA D 3 27.54 -11.50 14.79
N ASP D 4 27.64 -12.23 15.90
CA ASP D 4 27.21 -13.62 15.96
C ASP D 4 25.80 -13.73 15.39
N GLU D 5 24.90 -12.90 15.92
CA GLU D 5 23.51 -12.90 15.49
C GLU D 5 23.45 -12.68 13.98
N GLN D 6 24.19 -11.69 13.50
CA GLN D 6 24.24 -11.32 12.09
C GLN D 6 24.46 -12.50 11.14
N SER D 7 25.56 -13.21 11.32
CA SER D 7 25.84 -14.35 10.48
C SER D 7 24.79 -15.45 10.66
N LEU D 8 24.19 -15.53 11.84
CA LEU D 8 23.15 -16.53 12.07
C LEU D 8 22.05 -16.43 11.03
N VAL D 9 21.71 -15.20 10.63
CA VAL D 9 20.67 -14.98 9.62
C VAL D 9 21.28 -15.37 8.29
N GLY D 10 22.58 -15.15 8.17
CA GLY D 10 23.29 -15.53 6.96
C GLY D 10 23.16 -17.04 6.80
N ARG D 11 23.44 -17.79 7.86
CA ARG D 11 23.34 -19.24 7.83
C ARG D 11 21.90 -19.62 7.52
N PHE D 12 21.01 -19.29 8.46
CA PHE D 12 19.59 -19.59 8.33
C PHE D 12 18.99 -19.46 6.93
N ILE D 13 19.19 -18.32 6.28
CA ILE D 13 18.66 -18.11 4.92
C ILE D 13 19.14 -19.22 3.96
N HIS D 14 20.31 -19.77 4.25
CA HIS D 14 20.90 -20.80 3.42
C HIS D 14 20.34 -22.20 3.64
N LEU D 15 20.21 -22.62 4.89
CA LEU D 15 19.75 -23.97 5.17
C LEU D 15 18.27 -24.19 5.42
N LEU D 16 17.49 -23.13 5.36
CA LEU D 16 16.05 -23.26 5.54
C LEU D 16 15.42 -22.50 4.37
N ARG D 17 15.66 -23.01 3.18
CA ARG D 17 15.13 -22.38 1.98
C ARG D 17 14.54 -23.41 1.03
N SER D 18 13.46 -23.02 0.36
CA SER D 18 12.79 -23.88 -0.60
C SER D 18 13.06 -23.43 -2.01
N GLU D 19 12.98 -24.35 -2.96
CA GLU D 19 13.20 -23.98 -4.34
C GLU D 19 11.89 -23.54 -4.95
N ASP D 20 10.80 -23.71 -4.20
CA ASP D 20 9.47 -23.28 -4.65
C ASP D 20 9.25 -21.83 -4.26
N PRO D 21 9.08 -20.94 -5.26
CA PRO D 21 8.87 -19.52 -4.98
C PRO D 21 7.85 -19.26 -3.86
N ASP D 22 6.68 -19.86 -3.95
CA ASP D 22 5.65 -19.66 -2.96
C ASP D 22 6.03 -20.21 -1.58
N GLN D 23 6.75 -21.32 -1.56
CA GLN D 23 7.15 -21.88 -0.28
C GLN D 23 8.22 -20.96 0.32
N GLN D 24 9.09 -20.44 -0.54
CA GLN D 24 10.16 -19.53 -0.10
C GLN D 24 9.58 -18.25 0.46
N TYR D 25 8.43 -17.84 -0.06
CA TYR D 25 7.79 -16.62 0.39
C TYR D 25 7.29 -16.74 1.85
N LEU D 26 6.75 -17.90 2.21
CA LEU D 26 6.27 -18.10 3.57
C LEU D 26 7.42 -18.12 4.56
N ILE D 27 8.57 -18.59 4.11
CA ILE D 27 9.73 -18.66 4.98
C ILE D 27 10.15 -17.23 5.34
N LEU D 28 10.35 -16.40 4.32
CA LEU D 28 10.76 -15.01 4.52
C LEU D 28 9.79 -14.25 5.40
N ASN D 29 8.50 -14.50 5.20
CA ASN D 29 7.50 -13.79 5.97
C ASN D 29 7.58 -14.14 7.44
N THR D 30 7.62 -15.44 7.75
CA THR D 30 7.71 -15.87 9.14
C THR D 30 9.06 -15.44 9.69
N ALA D 31 10.11 -15.58 8.88
CA ALA D 31 11.46 -15.19 9.28
C ALA D 31 11.49 -13.72 9.66
N ARG D 32 10.80 -12.90 8.89
CA ARG D 32 10.76 -11.47 9.18
C ARG D 32 10.19 -11.24 10.57
N LYS D 33 9.19 -12.05 10.94
CA LYS D 33 8.59 -11.94 12.25
C LYS D 33 9.63 -12.15 13.35
N HIS D 34 10.18 -13.36 13.42
CA HIS D 34 11.19 -13.68 14.42
C HIS D 34 12.37 -12.74 14.39
N PHE D 35 12.96 -12.56 13.21
CA PHE D 35 14.12 -11.71 13.06
C PHE D 35 13.85 -10.23 13.26
N GLY D 36 12.61 -9.80 13.04
CA GLY D 36 12.30 -8.40 13.23
C GLY D 36 11.94 -8.05 14.66
N ALA D 37 12.03 -9.04 15.54
CA ALA D 37 11.68 -8.87 16.95
C ALA D 37 12.76 -8.30 17.85
N GLY D 38 13.97 -8.81 17.63
CA GLY D 38 15.15 -8.45 18.41
C GLY D 38 15.45 -7.07 18.96
N GLY D 39 14.99 -6.02 18.29
CA GLY D 39 15.25 -4.71 18.80
C GLY D 39 15.31 -3.67 17.72
N ASN D 40 16.26 -2.77 17.88
CA ASN D 40 16.51 -1.69 16.96
C ASN D 40 17.97 -1.93 16.67
N GLN D 41 18.59 -2.57 17.66
CA GLN D 41 20.00 -2.90 17.61
C GLN D 41 20.30 -4.15 16.80
N ARG D 42 19.51 -5.20 16.94
CA ARG D 42 19.81 -6.39 16.16
C ARG D 42 19.21 -6.38 14.76
N ILE D 43 18.02 -5.79 14.59
CA ILE D 43 17.40 -5.78 13.27
C ILE D 43 18.28 -5.14 12.22
N ARG D 44 19.17 -4.26 12.63
CA ARG D 44 20.08 -3.62 11.69
C ARG D 44 20.89 -4.69 10.94
N PHE D 45 21.19 -5.78 11.64
CA PHE D 45 21.98 -6.88 11.05
C PHE D 45 21.13 -8.09 10.68
N THR D 46 19.94 -8.17 11.23
CA THR D 46 19.09 -9.32 10.97
C THR D 46 18.07 -9.20 9.85
N LEU D 47 17.73 -7.98 9.46
CA LEU D 47 16.72 -7.80 8.41
C LEU D 47 17.26 -7.62 6.99
N PRO D 48 18.34 -6.85 6.85
CA PRO D 48 18.89 -6.65 5.51
C PRO D 48 18.93 -7.91 4.65
N PRO D 49 19.53 -8.99 5.16
CA PRO D 49 19.59 -10.21 4.36
C PRO D 49 18.22 -10.66 3.85
N LEU D 50 17.18 -10.35 4.61
CA LEU D 50 15.84 -10.73 4.22
C LEU D 50 15.35 -9.91 3.02
N VAL D 51 15.74 -8.64 2.97
CA VAL D 51 15.39 -7.76 1.85
C VAL D 51 16.04 -8.33 0.59
N PHE D 52 17.29 -8.73 0.72
CA PHE D 52 18.00 -9.28 -0.43
C PHE D 52 17.42 -10.60 -0.82
N ALA D 53 17.07 -11.40 0.19
CA ALA D 53 16.48 -12.70 -0.07
C ALA D 53 15.20 -12.44 -0.87
N ALA D 54 14.48 -11.39 -0.48
CA ALA D 54 13.24 -11.03 -1.16
C ALA D 54 13.46 -10.67 -2.62
N TYR D 55 14.48 -9.84 -2.90
CA TYR D 55 14.74 -9.41 -4.26
C TYR D 55 14.97 -10.59 -5.18
N GLN D 56 15.72 -11.57 -4.69
CA GLN D 56 16.00 -12.78 -5.43
C GLN D 56 14.69 -13.48 -5.73
N LEU D 57 13.86 -13.63 -4.70
CA LEU D 57 12.56 -14.26 -4.87
C LEU D 57 11.78 -13.68 -6.06
N ALA D 58 11.72 -12.36 -6.15
CA ALA D 58 11.03 -11.70 -7.25
C ALA D 58 11.54 -12.24 -8.58
N PHE D 59 12.86 -12.26 -8.76
CA PHE D 59 13.47 -12.77 -9.98
C PHE D 59 13.12 -14.23 -10.21
N ARG D 60 12.93 -14.96 -9.11
CA ARG D 60 12.57 -16.37 -9.17
C ARG D 60 11.16 -16.52 -9.73
N TYR D 61 10.22 -15.76 -9.19
CA TYR D 61 8.84 -15.81 -9.67
C TYR D 61 8.82 -15.51 -11.16
N LYS D 62 9.66 -14.58 -11.60
CA LYS D 62 9.69 -14.25 -13.00
C LYS D 62 10.11 -15.41 -13.87
N GLU D 63 11.00 -16.26 -13.37
CA GLU D 63 11.44 -17.42 -14.15
C GLU D 63 10.22 -18.27 -14.50
N ASN D 64 9.36 -18.49 -13.51
CA ASN D 64 8.15 -19.26 -13.69
C ASN D 64 7.11 -18.44 -14.46
N SER D 65 7.56 -17.38 -15.10
CA SER D 65 6.69 -16.47 -15.86
C SER D 65 5.69 -17.18 -16.76
N LYS D 66 5.96 -18.44 -17.09
CA LYS D 66 5.08 -19.22 -17.97
C LYS D 66 4.22 -20.25 -17.25
N VAL D 67 4.65 -20.70 -16.09
CA VAL D 67 3.90 -21.70 -15.32
C VAL D 67 2.89 -21.10 -14.35
N ASP D 68 3.16 -19.89 -13.86
CA ASP D 68 2.29 -19.22 -12.89
C ASP D 68 1.86 -17.83 -13.39
N ASP D 69 0.60 -17.70 -13.79
CA ASP D 69 0.10 -16.42 -14.28
C ASP D 69 -0.38 -15.46 -13.19
N LYS D 70 0.26 -15.51 -12.03
CA LYS D 70 -0.07 -14.63 -10.91
C LYS D 70 1.27 -14.12 -10.40
N TRP D 71 2.33 -14.49 -11.12
CA TRP D 71 3.66 -14.10 -10.74
C TRP D 71 3.78 -12.59 -10.57
N GLU D 72 3.23 -11.83 -11.50
CA GLU D 72 3.31 -10.38 -11.40
C GLU D 72 2.71 -9.86 -10.09
N LYS D 73 1.59 -10.43 -9.68
CA LYS D 73 0.93 -10.02 -8.44
C LYS D 73 1.81 -10.41 -7.25
N LYS D 74 2.55 -11.51 -7.42
CA LYS D 74 3.44 -11.98 -6.38
C LYS D 74 4.66 -11.08 -6.27
N CYS D 75 5.12 -10.56 -7.40
CA CYS D 75 6.26 -9.66 -7.38
C CYS D 75 5.87 -8.44 -6.60
N GLN D 76 4.73 -7.84 -6.94
CA GLN D 76 4.23 -6.65 -6.25
C GLN D 76 4.28 -6.89 -4.75
N LYS D 77 3.67 -7.98 -4.31
CA LYS D 77 3.64 -8.34 -2.89
C LYS D 77 5.03 -8.40 -2.26
N ILE D 78 5.99 -9.02 -2.94
CA ILE D 78 7.33 -9.11 -2.40
C ILE D 78 7.93 -7.72 -2.23
N PHE D 79 7.76 -6.88 -3.24
CA PHE D 79 8.31 -5.55 -3.14
C PHE D 79 7.63 -4.82 -2.03
N SER D 80 6.38 -5.16 -1.81
CA SER D 80 5.66 -4.53 -0.74
C SER D 80 6.38 -4.99 0.55
N PHE D 81 6.67 -6.28 0.60
CA PHE D 81 7.37 -6.91 1.71
C PHE D 81 8.69 -6.21 1.99
N ALA D 82 9.44 -5.95 0.92
CA ALA D 82 10.73 -5.27 1.03
C ALA D 82 10.58 -3.85 1.57
N HIS D 83 9.67 -3.09 0.96
CA HIS D 83 9.38 -1.72 1.35
C HIS D 83 9.13 -1.67 2.86
N GLN D 84 8.25 -2.54 3.34
CA GLN D 84 7.92 -2.57 4.77
C GLN D 84 9.14 -2.88 5.63
N THR D 85 9.86 -3.95 5.25
CA THR D 85 11.03 -4.34 6.00
C THR D 85 12.08 -3.24 6.00
N ILE D 86 12.31 -2.62 4.84
CA ILE D 86 13.28 -1.54 4.79
C ILE D 86 12.79 -0.45 5.73
N SER D 87 11.47 -0.24 5.75
CA SER D 87 10.87 0.78 6.59
C SER D 87 11.11 0.54 8.09
N ALA D 88 11.23 -0.71 8.48
CA ALA D 88 11.48 -1.04 9.89
C ALA D 88 12.82 -0.45 10.29
N LEU D 89 13.80 -0.57 9.38
CA LEU D 89 15.15 -0.05 9.61
C LEU D 89 15.14 1.45 9.84
N ILE D 90 14.34 2.16 9.03
CA ILE D 90 14.23 3.60 9.13
C ILE D 90 13.70 3.95 10.50
N LYS D 91 12.78 3.13 11.00
CA LYS D 91 12.19 3.38 12.31
C LYS D 91 13.18 3.06 13.42
N ALA D 92 14.16 2.23 13.11
CA ALA D 92 15.20 1.88 14.07
C ALA D 92 16.27 2.97 13.94
N GLU D 93 15.86 4.08 13.31
CA GLU D 93 16.66 5.26 13.01
C GLU D 93 17.95 5.08 12.23
N LEU D 94 17.91 4.21 11.24
CA LEU D 94 19.05 4.00 10.36
C LEU D 94 18.70 4.80 9.13
N ALA D 95 19.68 5.09 8.29
CA ALA D 95 19.43 5.88 7.10
C ALA D 95 20.24 5.43 5.89
N GLU D 96 21.56 5.42 6.03
CA GLU D 96 22.47 5.03 4.96
C GLU D 96 22.16 3.66 4.34
N LEU D 97 21.97 2.67 5.21
CA LEU D 97 21.65 1.31 4.79
C LEU D 97 20.29 1.29 4.10
N PRO D 98 19.24 1.81 4.76
CA PRO D 98 17.91 1.84 4.16
C PRO D 98 17.92 2.46 2.76
N LEU D 99 18.62 3.59 2.61
CA LEU D 99 18.72 4.30 1.34
C LEU D 99 19.30 3.35 0.30
N ARG D 100 20.37 2.68 0.68
CA ARG D 100 21.01 1.73 -0.21
C ARG D 100 20.07 0.54 -0.56
N LEU D 101 19.27 0.09 0.41
CA LEU D 101 18.35 -1.01 0.14
C LEU D 101 17.25 -0.56 -0.84
N PHE D 102 16.78 0.67 -0.67
CA PHE D 102 15.75 1.20 -1.55
C PHE D 102 16.24 1.29 -3.01
N LEU D 103 17.48 1.72 -3.21
CA LEU D 103 18.03 1.83 -4.55
C LEU D 103 18.07 0.44 -5.19
N GLN D 104 18.49 -0.54 -4.40
CA GLN D 104 18.56 -1.92 -4.88
C GLN D 104 17.19 -2.37 -5.34
N GLY D 105 16.15 -1.99 -4.60
CA GLY D 105 14.79 -2.37 -4.97
C GLY D 105 14.41 -1.66 -6.25
N ALA D 106 14.78 -0.38 -6.32
CA ALA D 106 14.49 0.42 -7.51
C ALA D 106 15.03 -0.34 -8.71
N LEU D 107 16.27 -0.80 -8.59
CA LEU D 107 16.94 -1.53 -9.64
C LEU D 107 16.20 -2.81 -9.99
N ALA D 108 15.99 -3.64 -8.98
CA ALA D 108 15.32 -4.91 -9.14
C ALA D 108 13.95 -4.75 -9.77
N ALA D 109 13.16 -3.84 -9.21
CA ALA D 109 11.83 -3.60 -9.74
C ALA D 109 11.90 -3.26 -11.22
N GLY D 110 12.70 -2.27 -11.57
CA GLY D 110 12.77 -1.90 -12.96
C GLY D 110 13.33 -2.95 -13.89
N GLU D 111 13.97 -3.95 -13.31
CA GLU D 111 14.60 -4.99 -14.10
C GLU D 111 13.66 -6.15 -14.41
N ILE D 112 12.63 -6.34 -13.59
CA ILE D 112 11.71 -7.44 -13.79
C ILE D 112 10.59 -7.14 -14.79
N GLY D 113 9.74 -6.16 -14.50
CA GLY D 113 8.70 -5.84 -15.46
C GLY D 113 7.28 -6.29 -15.14
N PHE D 114 7.06 -6.65 -13.88
CA PHE D 114 5.73 -7.06 -13.47
C PHE D 114 4.82 -5.84 -13.56
N GLU D 115 3.52 -6.07 -13.53
CA GLU D 115 2.51 -5.00 -13.59
C GLU D 115 2.72 -3.89 -12.57
N ASN D 116 2.82 -2.66 -13.05
CA ASN D 116 2.97 -1.51 -12.16
C ASN D 116 4.39 -1.41 -11.57
N HIS D 117 5.34 -2.13 -12.16
CA HIS D 117 6.71 -2.11 -11.68
C HIS D 117 7.38 -0.74 -11.73
N GLU D 118 7.04 0.08 -12.73
CA GLU D 118 7.64 1.41 -12.85
C GLU D 118 7.25 2.33 -11.69
N THR D 119 6.00 2.28 -11.24
CA THR D 119 5.62 3.13 -10.12
C THR D 119 6.25 2.56 -8.86
N VAL D 120 6.46 1.25 -8.82
CA VAL D 120 7.12 0.67 -7.65
C VAL D 120 8.57 1.19 -7.66
N ALA D 121 9.20 1.08 -8.82
CA ALA D 121 10.57 1.55 -9.01
C ALA D 121 10.65 3.02 -8.62
N TYR D 122 9.70 3.82 -9.12
CA TYR D 122 9.69 5.23 -8.79
C TYR D 122 9.54 5.40 -7.27
N GLU D 123 8.67 4.62 -6.66
CA GLU D 123 8.45 4.72 -5.21
C GLU D 123 9.74 4.51 -4.42
N PHE D 124 10.47 3.45 -4.77
CA PHE D 124 11.71 3.15 -4.06
C PHE D 124 12.77 4.25 -4.26
N SER D 126 12.41 7.56 -4.92
CA SER D 126 12.05 8.71 -4.13
C SER D 126 12.22 8.49 -2.64
N GLN D 127 11.89 7.28 -2.18
CA GLN D 127 12.03 6.93 -0.78
C GLN D 127 13.52 7.06 -0.45
N ALA D 128 14.36 6.66 -1.39
CA ALA D 128 15.79 6.74 -1.23
C ALA D 128 16.17 8.21 -1.15
N PHE D 129 15.57 9.02 -2.02
CA PHE D 129 15.85 10.45 -2.05
C PHE D 129 15.47 11.18 -0.77
N SER D 130 14.35 10.78 -0.17
CA SER D 130 13.90 11.40 1.08
C SER D 130 14.98 11.24 2.14
N LEU D 131 15.40 9.99 2.37
CA LEU D 131 16.46 9.75 3.34
C LEU D 131 17.67 10.58 2.98
N TYR D 132 17.98 10.65 1.70
CA TYR D 132 19.12 11.45 1.28
C TYR D 132 18.98 12.88 1.76
N GLU D 133 17.85 13.49 1.43
CA GLU D 133 17.58 14.87 1.79
C GLU D 133 17.45 15.13 3.29
N ASP D 134 16.82 14.22 4.03
CA ASP D 134 16.61 14.43 5.45
C ASP D 134 17.53 13.78 6.49
N GLU D 135 18.27 12.74 6.13
CA GLU D 135 19.09 12.06 7.13
C GLU D 135 20.60 12.05 6.96
N ILE D 136 21.08 12.42 5.78
CA ILE D 136 22.51 12.40 5.55
C ILE D 136 23.07 13.81 5.71
N SER D 137 23.72 14.07 6.84
CA SER D 137 24.28 15.40 7.07
C SER D 137 25.75 15.48 6.67
N ASP D 138 26.57 14.57 7.18
CA ASP D 138 27.98 14.57 6.85
C ASP D 138 28.18 14.70 5.32
N SER D 139 28.97 15.69 4.92
CA SER D 139 29.20 15.94 3.49
C SER D 139 29.86 14.78 2.74
N LYS D 140 30.84 14.14 3.37
CA LYS D 140 31.53 13.00 2.76
C LYS D 140 30.50 11.90 2.52
N ALA D 141 29.66 11.69 3.51
CA ALA D 141 28.62 10.70 3.40
C ALA D 141 27.70 11.14 2.24
N GLN D 142 27.38 12.43 2.18
CA GLN D 142 26.50 12.93 1.14
C GLN D 142 27.05 12.67 -0.23
N LEU D 143 28.32 13.02 -0.44
CA LEU D 143 28.96 12.81 -1.72
C LEU D 143 28.85 11.34 -2.10
N ALA D 144 29.14 10.46 -1.14
CA ALA D 144 29.06 9.04 -1.37
C ALA D 144 27.66 8.63 -1.81
N ALA D 145 26.65 8.98 -1.02
CA ALA D 145 25.29 8.59 -1.36
C ALA D 145 24.76 9.21 -2.66
N ILE D 146 25.03 10.49 -2.88
CA ILE D 146 24.51 11.10 -4.08
C ILE D 146 25.01 10.41 -5.35
N THR D 147 26.32 10.17 -5.41
CA THR D 147 26.90 9.49 -6.57
C THR D 147 26.38 8.05 -6.67
N LEU D 148 26.04 7.46 -5.53
CA LEU D 148 25.50 6.12 -5.58
C LEU D 148 24.14 6.22 -6.27
N ILE D 149 23.34 7.19 -5.82
CA ILE D 149 22.00 7.43 -6.36
C ILE D 149 22.06 7.65 -7.86
N ILE D 150 22.97 8.52 -8.28
CA ILE D 150 23.10 8.80 -9.70
C ILE D 150 23.52 7.55 -10.47
N GLY D 151 24.52 6.84 -9.96
CA GLY D 151 24.98 5.63 -10.62
C GLY D 151 23.87 4.61 -10.73
N THR D 152 23.07 4.51 -9.69
CA THR D 152 21.97 3.56 -9.69
C THR D 152 20.91 4.02 -10.69
N PHE D 153 20.53 5.28 -10.61
CA PHE D 153 19.54 5.83 -11.53
C PHE D 153 19.98 5.74 -12.99
N GLU D 154 21.29 5.81 -13.22
CA GLU D 154 21.81 5.76 -14.58
C GLU D 154 21.63 4.41 -15.28
N ARG D 155 21.56 3.32 -14.53
CA ARG D 155 21.41 1.96 -15.09
C ARG D 155 19.96 1.58 -15.43
N LYS D 157 16.24 1.82 -17.04
CA LYS D 157 15.65 2.26 -18.29
C LYS D 157 14.18 1.88 -18.34
N CYS D 158 13.53 1.93 -17.19
CA CYS D 158 12.12 1.58 -17.09
C CYS D 158 11.21 2.80 -16.96
N PHE D 159 11.80 3.98 -16.76
CA PHE D 159 11.03 5.21 -16.62
C PHE D 159 10.75 5.96 -17.91
N SER D 160 9.49 6.35 -18.09
CA SER D 160 9.09 7.10 -19.27
C SER D 160 9.69 8.49 -19.06
N GLU D 161 9.54 9.39 -20.03
CA GLU D 161 10.10 10.73 -19.89
C GLU D 161 9.39 11.52 -18.80
N GLU D 162 8.08 11.33 -18.67
CA GLU D 162 7.33 12.07 -17.66
C GLU D 162 7.81 11.76 -16.24
N ASN D 163 8.47 10.62 -16.06
CA ASN D 163 8.98 10.25 -14.75
C ASN D 163 10.50 10.43 -14.70
N HIS D 164 11.18 10.09 -15.79
CA HIS D 164 12.62 10.20 -15.84
C HIS D 164 13.13 11.63 -15.65
N GLU D 165 12.34 12.60 -16.12
CA GLU D 165 12.71 14.00 -16.00
C GLU D 165 12.74 14.48 -14.53
N PRO D 166 11.67 14.23 -13.77
CA PRO D 166 11.63 14.65 -12.36
C PRO D 166 12.84 14.20 -11.54
N LEU D 167 13.17 12.91 -11.62
CA LEU D 167 14.30 12.35 -10.87
C LEU D 167 15.60 12.97 -11.36
N ARG D 168 15.78 12.92 -12.67
CA ARG D 168 16.95 13.48 -13.32
C ARG D 168 17.28 14.84 -12.71
N THR D 169 16.27 15.69 -12.54
CA THR D 169 16.53 17.01 -11.98
C THR D 169 16.71 16.95 -10.49
N GLN D 170 16.05 16.00 -9.85
CA GLN D 170 16.16 15.85 -8.41
C GLN D 170 17.60 15.47 -8.07
N CYS D 171 18.26 14.79 -9.00
CA CYS D 171 19.67 14.39 -8.85
C CYS D 171 20.53 15.61 -9.05
N ALA D 172 20.27 16.34 -10.13
CA ALA D 172 21.03 17.53 -10.45
C ALA D 172 21.00 18.50 -9.25
N LEU D 173 19.80 18.72 -8.72
CA LEU D 173 19.61 19.60 -7.58
C LEU D 173 20.50 19.21 -6.41
N ALA D 174 20.38 17.95 -6.01
CA ALA D 174 21.17 17.41 -4.90
C ALA D 174 22.64 17.69 -5.13
N ALA D 175 23.07 17.51 -6.37
CA ALA D 175 24.45 17.73 -6.74
C ALA D 175 24.85 19.16 -6.46
N SER D 176 24.07 20.11 -6.97
CA SER D 176 24.39 21.52 -6.78
C SER D 176 24.22 21.98 -5.33
N LYS D 177 23.81 21.08 -4.45
CA LYS D 177 23.63 21.44 -3.05
C LYS D 177 24.78 21.00 -2.16
N LEU D 178 25.67 20.15 -2.68
CA LEU D 178 26.79 19.68 -1.88
C LEU D 178 27.59 20.90 -1.41
N LEU D 179 28.01 20.89 -0.15
CA LEU D 179 28.76 22.01 0.42
C LEU D 179 30.10 22.30 -0.25
N LYS D 180 31.02 21.35 -0.23
CA LYS D 180 32.33 21.55 -0.85
C LYS D 180 32.23 21.79 -2.36
N LYS D 181 32.86 22.87 -2.80
CA LYS D 181 32.84 23.23 -4.21
C LYS D 181 33.33 22.09 -5.12
N PRO D 182 34.49 21.50 -4.80
CA PRO D 182 34.98 20.40 -5.64
C PRO D 182 33.95 19.28 -5.77
N ASP D 183 33.37 18.89 -4.65
CA ASP D 183 32.35 17.84 -4.67
C ASP D 183 31.25 18.23 -5.63
N GLN D 184 30.69 19.41 -5.43
CA GLN D 184 29.64 19.90 -6.30
C GLN D 184 30.07 19.71 -7.77
N GLY D 185 31.25 20.23 -8.10
CA GLY D 185 31.78 20.10 -9.45
C GLY D 185 31.78 18.70 -9.99
N ARG D 186 32.22 17.75 -9.18
CA ARG D 186 32.26 16.37 -9.61
C ARG D 186 30.91 15.70 -9.72
N ALA D 187 30.02 15.96 -8.76
CA ALA D 187 28.71 15.34 -8.80
C ALA D 187 27.94 15.86 -10.01
N VAL D 188 28.00 17.17 -10.21
CA VAL D 188 27.32 17.78 -11.34
C VAL D 188 27.85 17.24 -12.66
N SER D 189 29.15 17.01 -12.73
CA SER D 189 29.72 16.50 -13.96
C SER D 189 29.25 15.09 -14.25
N THR D 190 29.11 14.27 -13.21
CA THR D 190 28.66 12.90 -13.41
C THR D 190 27.17 12.84 -13.70
N CYS D 191 26.45 13.89 -13.35
CA CYS D 191 25.01 13.94 -13.62
C CYS D 191 24.78 13.99 -15.11
N ALA D 192 25.80 14.44 -15.83
CA ALA D 192 25.73 14.54 -17.29
C ALA D 192 25.33 13.22 -17.93
N HIS D 193 25.65 12.11 -17.27
CA HIS D 193 25.32 10.79 -17.80
C HIS D 193 23.83 10.49 -17.75
N LEU D 194 23.10 11.21 -16.91
CA LEU D 194 21.66 10.99 -16.80
C LEU D 194 20.97 11.60 -18.00
N PHE D 195 21.70 12.46 -18.71
CA PHE D 195 21.17 13.13 -19.89
C PHE D 195 21.81 12.52 -21.14
N TRP D 196 21.93 11.19 -21.16
CA TRP D 196 22.55 10.51 -22.30
C TRP D 196 22.53 9.01 -22.08
N ARG D 213 20.67 19.05 -21.38
CA ARG D 213 21.58 18.05 -21.96
C ARG D 213 22.99 18.13 -21.39
N VAL D 214 23.75 17.07 -21.68
CA VAL D 214 25.14 16.91 -21.28
C VAL D 214 25.94 18.20 -21.29
N GLU D 216 24.95 21.26 -21.05
CA GLU D 216 24.51 22.21 -20.03
C GLU D 216 25.11 21.78 -18.68
N CYS D 217 24.99 20.50 -18.34
CA CYS D 217 25.53 19.96 -17.11
C CYS D 217 27.02 20.23 -16.98
N LEU D 218 27.76 19.94 -18.05
CA LEU D 218 29.19 20.15 -18.06
C LEU D 218 29.62 21.60 -17.92
N LYS D 219 28.77 22.54 -18.30
CA LYS D 219 29.13 23.94 -18.17
C LYS D 219 29.00 24.32 -16.70
N LYS D 220 27.90 23.90 -16.10
CA LYS D 220 27.66 24.17 -14.70
C LYS D 220 28.90 23.72 -13.93
N ALA D 221 29.37 22.52 -14.26
CA ALA D 221 30.55 21.96 -13.61
C ALA D 221 31.75 22.87 -13.75
N LEU D 222 31.92 23.42 -14.94
CA LEU D 222 33.03 24.32 -15.23
C LEU D 222 32.98 25.58 -14.38
N LYS D 223 31.80 26.21 -14.31
CA LYS D 223 31.65 27.42 -13.51
C LYS D 223 31.91 27.07 -12.05
N ILE D 224 31.30 25.99 -11.59
CA ILE D 224 31.48 25.52 -10.23
C ILE D 224 32.96 25.36 -9.96
N ALA D 225 33.71 25.01 -11.00
CA ALA D 225 35.15 24.82 -10.87
C ALA D 225 35.88 26.13 -10.59
N ASN D 226 35.55 27.17 -11.36
CA ASN D 226 36.20 28.46 -11.17
C ASN D 226 35.87 29.04 -9.80
N GLN D 227 34.82 28.51 -9.15
CA GLN D 227 34.44 29.00 -7.84
C GLN D 227 35.26 28.34 -6.74
N CYS D 228 36.25 27.56 -7.13
CA CYS D 228 37.15 26.91 -6.17
C CYS D 228 38.26 27.91 -5.93
N ASP D 230 41.26 27.37 -3.94
CA ASP D 230 42.56 26.72 -4.12
C ASP D 230 42.80 26.53 -5.60
N PRO D 231 43.92 27.04 -6.11
CA PRO D 231 44.22 26.90 -7.54
C PRO D 231 44.59 25.47 -7.93
N SER D 232 45.29 24.78 -7.04
CA SER D 232 45.69 23.41 -7.34
C SER D 232 44.45 22.54 -7.63
N LEU D 233 43.43 22.61 -6.77
CA LEU D 233 42.21 21.84 -6.97
C LEU D 233 41.42 22.34 -8.17
N GLN D 234 41.59 23.62 -8.50
CA GLN D 234 40.90 24.19 -9.65
C GLN D 234 41.39 23.53 -10.94
N VAL D 235 42.69 23.29 -11.03
CA VAL D 235 43.26 22.68 -12.21
C VAL D 235 42.74 21.27 -12.40
N GLN D 236 42.67 20.52 -11.30
CA GLN D 236 42.20 19.15 -11.34
C GLN D 236 40.83 19.00 -11.95
N LEU D 237 39.85 19.63 -11.33
CA LEU D 237 38.49 19.55 -11.84
C LEU D 237 38.44 19.89 -13.32
N PHE D 238 39.19 20.90 -13.73
CA PHE D 238 39.23 21.29 -15.13
C PHE D 238 39.68 20.08 -15.96
N ILE D 239 40.76 19.43 -15.53
CA ILE D 239 41.26 18.24 -16.21
C ILE D 239 40.24 17.11 -16.07
N GLU D 240 39.80 16.88 -14.84
CA GLU D 240 38.81 15.85 -14.60
C GLU D 240 37.63 16.07 -15.53
N ILE D 241 37.12 17.31 -15.56
CA ILE D 241 35.98 17.63 -16.41
C ILE D 241 36.33 17.49 -17.88
N LEU D 242 37.56 17.87 -18.24
CA LEU D 242 38.02 17.76 -19.61
C LEU D 242 37.78 16.32 -20.05
N ASN D 243 38.16 15.37 -19.20
CA ASN D 243 37.98 13.95 -19.49
C ASN D 243 36.52 13.58 -19.63
N ARG D 244 35.65 14.26 -18.90
CA ARG D 244 34.23 13.97 -18.99
C ARG D 244 33.75 14.43 -20.35
N TYR D 245 34.23 15.59 -20.80
CA TYR D 245 33.85 16.11 -22.12
C TYR D 245 34.30 15.06 -23.12
N ILE D 246 35.56 14.68 -23.04
CA ILE D 246 36.14 13.68 -23.92
C ILE D 246 35.30 12.41 -23.97
N TYR D 247 34.87 11.96 -22.79
CA TYR D 247 34.04 10.76 -22.71
C TYR D 247 32.90 10.89 -23.72
N PHE D 248 32.03 11.86 -23.51
CA PHE D 248 30.89 12.08 -24.37
C PHE D 248 31.30 12.35 -25.82
N TYR D 249 32.46 12.96 -25.98
CA TYR D 249 32.98 13.30 -27.30
C TYR D 249 33.23 12.05 -28.14
N GLU D 250 33.95 11.08 -27.57
CA GLU D 250 34.27 9.88 -28.30
C GLU D 250 33.08 8.91 -28.44
N LYS D 251 31.89 9.36 -28.07
CA LYS D 251 30.71 8.52 -28.18
C LYS D 251 29.99 8.79 -29.49
N THR D 257 30.17 20.79 -28.33
CA THR D 257 30.62 19.44 -27.99
C THR D 257 31.95 19.12 -28.64
N ILE D 258 32.46 20.04 -29.46
CA ILE D 258 33.72 19.80 -30.18
C ILE D 258 34.71 20.95 -30.16
N GLN D 259 34.26 22.13 -29.75
CA GLN D 259 35.16 23.29 -29.72
C GLN D 259 35.39 23.79 -28.30
N VAL D 260 34.33 23.79 -27.48
CA VAL D 260 34.42 24.24 -26.10
C VAL D 260 35.46 23.36 -25.40
N LEU D 261 35.70 22.22 -26.02
CA LEU D 261 36.66 21.24 -25.54
C LEU D 261 38.03 21.90 -25.60
N ASN D 262 38.42 22.31 -26.79
CA ASN D 262 39.72 22.96 -27.02
C ASN D 262 40.00 24.15 -26.15
N GLN D 263 38.98 24.96 -25.89
CA GLN D 263 39.16 26.13 -25.06
C GLN D 263 39.50 25.67 -23.65
N LEU D 264 38.92 24.53 -23.24
CA LEU D 264 39.18 23.99 -21.92
C LEU D 264 40.65 23.61 -21.85
N ILE D 265 41.11 22.85 -22.83
CA ILE D 265 42.50 22.43 -22.87
C ILE D 265 43.42 23.63 -22.72
N GLN D 266 43.21 24.65 -23.54
CA GLN D 266 44.03 25.85 -23.47
C GLN D 266 44.11 26.34 -22.04
N LYS D 267 42.96 26.52 -21.41
CA LYS D 267 42.89 26.99 -20.04
C LYS D 267 43.86 26.19 -19.17
N ILE D 268 43.82 24.87 -19.31
CA ILE D 268 44.67 23.98 -18.53
C ILE D 268 46.14 24.33 -18.75
N ARG D 269 46.50 24.45 -20.02
CA ARG D 269 47.88 24.77 -20.41
C ARG D 269 48.41 26.05 -19.75
N GLU D 270 47.51 27.00 -19.50
CA GLU D 270 47.91 28.26 -18.89
C GLU D 270 48.00 28.18 -17.37
N ASP D 271 46.94 27.71 -16.74
CA ASP D 271 46.90 27.62 -15.29
C ASP D 271 47.75 26.50 -14.70
N LEU D 272 48.02 25.48 -15.50
CA LEU D 272 48.81 24.35 -15.01
C LEU D 272 50.29 24.69 -14.69
N PRO D 273 51.00 25.32 -15.65
CA PRO D 273 52.41 25.70 -15.49
C PRO D 273 52.81 26.47 -14.23
N ASN D 274 51.94 27.34 -13.74
CA ASN D 274 52.31 28.13 -12.57
C ASN D 274 51.69 27.80 -11.21
N LEU D 275 52.11 26.67 -10.63
CA LEU D 275 51.63 26.28 -9.32
C LEU D 275 52.75 25.56 -8.59
N GLU D 276 52.70 25.56 -7.25
CA GLU D 276 53.74 24.93 -6.43
C GLU D 276 54.30 23.64 -7.02
N SER D 277 55.60 23.44 -6.89
CA SER D 277 56.22 22.24 -7.40
C SER D 277 56.22 21.19 -6.29
N SER D 278 55.32 20.22 -6.41
CA SER D 278 55.20 19.16 -5.41
C SER D 278 54.64 17.88 -6.03
N GLU D 279 54.67 16.80 -5.27
CA GLU D 279 54.18 15.50 -5.71
C GLU D 279 52.81 15.66 -6.37
N GLU D 280 51.89 16.28 -5.66
CA GLU D 280 50.55 16.50 -6.17
C GLU D 280 50.63 17.07 -7.57
N THR D 281 51.23 18.24 -7.68
CA THR D 281 51.36 18.93 -8.97
C THR D 281 51.98 18.05 -10.06
N GLU D 282 52.94 17.22 -9.67
CA GLU D 282 53.59 16.34 -10.62
C GLU D 282 52.59 15.32 -11.13
N GLN D 283 51.74 14.83 -10.22
CA GLN D 283 50.72 13.84 -10.57
C GLN D 283 49.63 14.51 -11.39
N ILE D 284 49.26 15.73 -10.99
CA ILE D 284 48.25 16.48 -11.70
C ILE D 284 48.71 16.69 -13.14
N ASN D 285 50.01 16.88 -13.31
CA ASN D 285 50.59 17.08 -14.65
C ASN D 285 50.53 15.78 -15.44
N LYS D 286 50.88 14.68 -14.79
CA LYS D 286 50.85 13.36 -15.43
C LYS D 286 49.43 13.08 -15.89
N HIS D 287 48.47 13.45 -15.06
CA HIS D 287 47.07 13.24 -15.38
C HIS D 287 46.77 13.95 -16.70
N PHE D 288 47.16 15.21 -16.78
CA PHE D 288 46.91 16.01 -17.99
C PHE D 288 47.66 15.46 -19.20
N HIS D 289 48.86 14.95 -18.94
CA HIS D 289 49.67 14.39 -20.02
C HIS D 289 48.97 13.16 -20.61
N ASN D 290 48.53 12.27 -19.72
CA ASN D 290 47.82 11.05 -20.12
C ASN D 290 46.58 11.43 -20.90
N THR D 291 45.90 12.50 -20.49
CA THR D 291 44.69 12.94 -21.18
C THR D 291 45.03 13.40 -22.60
N LEU D 292 46.17 14.07 -22.74
CA LEU D 292 46.63 14.57 -24.03
C LEU D 292 47.09 13.41 -24.91
N GLU D 293 47.82 12.47 -24.31
CA GLU D 293 48.27 11.31 -25.06
C GLU D 293 47.02 10.63 -25.62
N HIS D 294 46.05 10.38 -24.75
CA HIS D 294 44.80 9.71 -25.14
C HIS D 294 44.13 10.34 -26.35
N LEU D 295 44.20 11.67 -26.46
CA LEU D 295 43.56 12.35 -27.57
C LEU D 295 44.27 12.10 -28.91
N ARG D 296 45.26 11.22 -28.88
CA ARG D 296 46.01 10.87 -30.08
C ARG D 296 45.66 9.45 -30.48
N LEU D 297 45.28 9.27 -31.73
CA LEU D 297 44.92 7.97 -32.25
C LEU D 297 45.96 7.66 -33.33
N ARG D 298 47.23 7.86 -32.99
CA ARG D 298 48.34 7.62 -33.91
C ARG D 298 49.10 6.33 -33.62
#